data_1MVZ
#
_entry.id   1MVZ
#
_cell.length_a   1.000
_cell.length_b   1.000
_cell.length_c   1.000
_cell.angle_alpha   90.00
_cell.angle_beta   90.00
_cell.angle_gamma   90.00
#
_symmetry.space_group_name_H-M   'P 1'
#
_entity_poly.entity_id   1
_entity_poly.type   'polypeptide(L)'
_entity_poly.pdbx_seq_one_letter_code
;TKSTTTACCDFCPCTRSIPPQCQCTDVREKCHSACKSCLCTRSFPPQCRCYDITDFCYPSCS
;
_entity_poly.pdbx_strand_id   A
#
# COMPACT_ATOMS: atom_id res chain seq x y z
N THR A 1 19.50 12.93 9.21
CA THR A 1 18.48 13.81 8.61
C THR A 1 18.57 13.80 7.09
N LYS A 2 17.56 13.22 6.41
CA LYS A 2 17.48 13.20 4.95
C LYS A 2 16.04 12.95 4.52
N SER A 3 15.46 11.83 4.96
CA SER A 3 14.11 11.41 4.61
C SER A 3 13.64 10.36 5.62
N THR A 4 12.45 9.78 5.40
CA THR A 4 11.85 8.77 6.27
C THR A 4 10.87 7.90 5.46
N THR A 5 10.11 7.06 6.17
CA THR A 5 9.17 6.10 5.60
C THR A 5 7.86 6.81 5.24
N THR A 6 7.86 7.51 4.10
CA THR A 6 6.71 8.20 3.54
C THR A 6 5.71 7.23 2.93
N ALA A 7 4.63 7.78 2.35
CA ALA A 7 3.62 7.02 1.62
C ALA A 7 4.26 6.33 0.42
N CYS A 8 4.33 5.00 0.51
CA CYS A 8 5.03 4.14 -0.43
C CYS A 8 4.06 3.12 -1.01
N CYS A 9 4.64 2.14 -1.70
CA CYS A 9 3.98 0.94 -2.19
C CYS A 9 5.09 -0.04 -2.58
N ASP A 10 4.72 -1.23 -3.06
CA ASP A 10 5.66 -2.17 -3.66
C ASP A 10 5.03 -2.66 -4.96
N PHE A 11 4.03 -3.54 -4.84
CA PHE A 11 3.21 -3.96 -5.96
C PHE A 11 2.02 -3.00 -6.03
N CYS A 12 1.91 -2.23 -7.12
CA CYS A 12 0.84 -1.26 -7.30
C CYS A 12 0.00 -1.55 -8.55
N PRO A 13 -0.85 -2.59 -8.53
CA PRO A 13 -1.74 -2.90 -9.63
C PRO A 13 -2.92 -1.93 -9.66
N CYS A 14 -3.59 -1.86 -10.82
CA CYS A 14 -4.74 -0.98 -11.05
C CYS A 14 -5.81 -1.70 -11.86
N THR A 15 -7.05 -1.20 -11.76
CA THR A 15 -8.15 -1.61 -12.62
C THR A 15 -8.00 -0.92 -13.98
N ARG A 16 -8.59 -1.50 -15.02
CA ARG A 16 -8.59 -0.95 -16.37
C ARG A 16 -9.97 -0.38 -16.70
N SER A 17 -10.61 0.22 -15.70
CA SER A 17 -11.87 0.92 -15.78
C SER A 17 -11.65 2.37 -16.19
N ILE A 18 -12.76 3.10 -16.31
CA ILE A 18 -12.80 4.51 -16.69
C ILE A 18 -13.61 5.26 -15.61
N PRO A 19 -12.97 6.03 -14.70
CA PRO A 19 -11.53 6.19 -14.55
C PRO A 19 -10.91 4.93 -13.93
N PRO A 20 -9.60 4.70 -14.10
CA PRO A 20 -8.88 3.61 -13.47
C PRO A 20 -8.65 3.93 -11.99
N GLN A 21 -8.76 2.91 -11.13
CA GLN A 21 -8.41 2.98 -9.72
C GLN A 21 -7.18 2.10 -9.50
N CYS A 22 -6.15 2.68 -8.89
CA CYS A 22 -4.92 1.99 -8.51
C CYS A 22 -4.92 1.76 -7.01
N GLN A 23 -4.24 0.69 -6.59
CA GLN A 23 -4.13 0.29 -5.22
C GLN A 23 -2.73 -0.25 -4.93
N CYS A 24 -2.50 -0.66 -3.68
CA CYS A 24 -1.34 -1.43 -3.28
C CYS A 24 -1.83 -2.83 -2.92
N THR A 25 -1.03 -3.86 -3.28
CA THR A 25 -1.21 -5.21 -2.76
C THR A 25 0.04 -5.62 -1.98
N ASP A 26 0.67 -4.66 -1.29
CA ASP A 26 1.85 -4.91 -0.51
C ASP A 26 1.48 -5.48 0.85
N VAL A 27 2.39 -6.30 1.37
CA VAL A 27 2.28 -7.01 2.63
C VAL A 27 3.68 -7.01 3.25
N ARG A 28 3.80 -6.47 4.47
CA ARG A 28 5.08 -6.12 5.08
C ARG A 28 4.85 -5.95 6.59
N GLU A 29 5.63 -5.10 7.26
CA GLU A 29 5.29 -4.57 8.58
C GLU A 29 4.09 -3.63 8.43
N LYS A 30 4.02 -2.53 9.19
CA LYS A 30 2.86 -1.67 9.18
C LYS A 30 2.68 -0.96 7.83
N CYS A 31 1.44 -0.53 7.59
CA CYS A 31 1.02 0.15 6.39
C CYS A 31 1.51 1.60 6.35
N HIS A 32 1.54 2.17 5.14
CA HIS A 32 2.20 3.44 4.88
C HIS A 32 1.35 4.65 5.27
N SER A 33 1.96 5.83 5.09
CA SER A 33 1.43 7.11 5.53
C SER A 33 0.33 7.66 4.61
N ALA A 34 -0.33 6.81 3.81
CA ALA A 34 -1.48 7.21 3.01
C ALA A 34 -2.35 5.99 2.71
N CYS A 35 -2.93 5.42 3.77
CA CYS A 35 -3.81 4.27 3.69
C CYS A 35 -5.14 4.61 4.34
N LYS A 36 -6.24 4.37 3.60
CA LYS A 36 -7.61 4.55 4.03
C LYS A 36 -8.19 3.17 4.35
N SER A 37 -7.78 2.19 3.56
CA SER A 37 -7.91 0.77 3.90
C SER A 37 -6.52 0.27 4.27
N CYS A 38 -6.37 -0.11 5.53
CA CYS A 38 -5.23 -0.83 6.07
C CYS A 38 -5.77 -1.95 6.94
N LEU A 39 -5.22 -3.16 6.75
CA LEU A 39 -5.65 -4.36 7.46
C LEU A 39 -4.50 -5.36 7.45
N CYS A 40 -4.51 -6.30 8.40
CA CYS A 40 -3.44 -7.27 8.60
C CYS A 40 -3.99 -8.69 8.50
N THR A 41 -3.08 -9.68 8.38
CA THR A 41 -3.45 -11.08 8.51
C THR A 41 -3.31 -11.50 9.97
N ARG A 42 -4.14 -12.47 10.38
CA ARG A 42 -4.13 -13.06 11.71
C ARG A 42 -3.08 -14.16 11.87
N SER A 43 -2.30 -14.42 10.81
CA SER A 43 -1.33 -15.48 10.73
C SER A 43 -0.13 -15.21 11.65
N PHE A 44 0.84 -16.12 11.62
CA PHE A 44 2.10 -16.02 12.35
C PHE A 44 3.24 -16.05 11.34
N PRO A 45 3.98 -14.94 11.13
CA PRO A 45 3.82 -13.65 11.77
C PRO A 45 2.58 -12.92 11.23
N PRO A 46 1.93 -12.08 12.05
CA PRO A 46 0.85 -11.22 11.59
C PRO A 46 1.46 -10.04 10.81
N GLN A 47 1.29 -10.04 9.48
CA GLN A 47 1.85 -9.04 8.60
C GLN A 47 0.74 -8.10 8.18
N CYS A 48 1.06 -6.80 8.12
CA CYS A 48 0.11 -5.74 7.89
C CYS A 48 0.28 -5.19 6.47
N ARG A 49 -0.83 -4.69 5.94
CA ARG A 49 -1.07 -4.57 4.51
C ARG A 49 -1.88 -3.29 4.25
N CYS A 50 -1.58 -2.60 3.14
CA CYS A 50 -2.30 -1.42 2.71
C CYS A 50 -3.07 -1.73 1.43
N TYR A 51 -4.35 -1.37 1.39
CA TYR A 51 -5.25 -1.59 0.26
C TYR A 51 -5.93 -0.27 -0.14
N ASP A 52 -5.17 0.84 -0.08
CA ASP A 52 -5.64 2.18 -0.44
C ASP A 52 -6.18 2.22 -1.86
N ILE A 53 -7.08 3.18 -2.14
CA ILE A 53 -7.56 3.47 -3.48
C ILE A 53 -7.10 4.89 -3.83
N THR A 54 -6.17 4.99 -4.78
CA THR A 54 -5.71 6.24 -5.36
C THR A 54 -5.77 6.12 -6.87
N ASP A 55 -5.70 7.24 -7.59
CA ASP A 55 -5.62 7.22 -9.04
C ASP A 55 -4.26 6.70 -9.52
N PHE A 56 -3.24 6.76 -8.66
CA PHE A 56 -1.83 6.60 -9.01
C PHE A 56 -1.12 5.58 -8.10
N CYS A 57 0.18 5.40 -8.37
CA CYS A 57 1.10 4.55 -7.63
C CYS A 57 2.15 5.41 -6.92
N TYR A 58 2.61 4.95 -5.75
CA TYR A 58 3.66 5.56 -4.94
C TYR A 58 5.00 4.86 -5.23
N PRO A 59 6.15 5.51 -4.93
CA PRO A 59 7.47 4.90 -5.09
C PRO A 59 7.67 3.70 -4.17
N SER A 60 8.70 2.90 -4.46
CA SER A 60 9.00 1.65 -3.78
C SER A 60 9.34 1.88 -2.31
N CYS A 61 8.86 0.95 -1.48
CA CYS A 61 9.03 0.97 -0.03
C CYS A 61 10.26 0.18 0.41
N SER A 62 10.44 0.11 1.75
CA SER A 62 11.36 -0.79 2.42
C SER A 62 10.74 -1.16 3.77
N THR A 1 16.09 -1.67 9.96
CA THR A 1 15.73 -0.28 9.62
C THR A 1 15.27 0.49 10.87
N LYS A 2 15.33 1.82 10.80
CA LYS A 2 14.71 2.69 11.80
C LYS A 2 13.21 2.81 11.54
N SER A 3 12.49 3.37 12.50
CA SER A 3 11.04 3.56 12.42
C SER A 3 10.71 4.56 11.31
N THR A 4 10.09 4.08 10.23
CA THR A 4 9.63 4.89 9.11
C THR A 4 8.48 4.17 8.42
N THR A 5 7.53 4.94 7.88
CA THR A 5 6.35 4.41 7.20
C THR A 5 5.82 5.45 6.21
N THR A 6 6.72 6.07 5.44
CA THR A 6 6.40 7.08 4.44
C THR A 6 5.52 6.49 3.33
N ALA A 7 4.81 7.34 2.59
CA ALA A 7 3.85 6.91 1.59
C ALA A 7 4.53 6.17 0.44
N CYS A 8 4.53 4.83 0.54
CA CYS A 8 5.17 3.93 -0.39
C CYS A 8 4.18 2.88 -0.85
N CYS A 9 4.70 1.95 -1.64
CA CYS A 9 4.06 0.73 -2.10
C CYS A 9 5.12 -0.12 -2.80
N ASP A 10 4.88 -1.42 -2.97
CA ASP A 10 5.70 -2.31 -3.77
C ASP A 10 4.90 -2.67 -5.02
N PHE A 11 3.93 -3.58 -4.89
CA PHE A 11 3.06 -4.01 -5.96
C PHE A 11 1.86 -3.07 -5.99
N CYS A 12 1.76 -2.26 -7.04
CA CYS A 12 0.71 -1.26 -7.23
C CYS A 12 -0.13 -1.54 -8.48
N PRO A 13 -0.91 -2.64 -8.50
CA PRO A 13 -1.76 -2.98 -9.64
C PRO A 13 -2.93 -1.99 -9.74
N CYS A 14 -3.34 -1.68 -10.97
CA CYS A 14 -4.42 -0.75 -11.27
C CYS A 14 -5.40 -1.34 -12.28
N THR A 15 -6.62 -0.79 -12.29
CA THR A 15 -7.68 -1.17 -13.20
C THR A 15 -7.58 -0.30 -14.45
N ARG A 16 -8.16 -0.79 -15.56
CA ARG A 16 -8.24 -0.09 -16.82
C ARG A 16 -9.68 0.36 -17.07
N SER A 17 -10.39 0.73 -15.99
CA SER A 17 -11.73 1.29 -16.04
C SER A 17 -11.68 2.80 -16.17
N ILE A 18 -12.86 3.41 -16.15
CA ILE A 18 -13.05 4.86 -16.28
C ILE A 18 -13.96 5.34 -15.13
N PRO A 19 -13.45 6.14 -14.18
CA PRO A 19 -12.04 6.47 -14.00
C PRO A 19 -11.30 5.22 -13.50
N PRO A 20 -9.99 5.07 -13.79
CA PRO A 20 -9.20 3.94 -13.32
C PRO A 20 -8.88 4.13 -11.84
N GLN A 21 -9.08 3.06 -11.05
CA GLN A 21 -8.71 3.01 -9.64
C GLN A 21 -7.46 2.14 -9.52
N CYS A 22 -6.51 2.60 -8.70
CA CYS A 22 -5.28 1.90 -8.38
C CYS A 22 -5.36 1.39 -6.95
N GLN A 23 -4.68 0.27 -6.71
CA GLN A 23 -4.64 -0.42 -5.44
C GLN A 23 -3.19 -0.82 -5.15
N CYS A 24 -2.94 -1.33 -3.95
CA CYS A 24 -1.66 -1.90 -3.56
C CYS A 24 -1.93 -3.29 -2.98
N THR A 25 -1.11 -4.27 -3.40
CA THR A 25 -1.13 -5.63 -2.90
C THR A 25 0.19 -5.95 -2.20
N ASP A 26 0.87 -4.91 -1.71
CA ASP A 26 2.06 -5.05 -0.88
C ASP A 26 1.67 -5.59 0.49
N VAL A 27 2.61 -6.31 1.08
CA VAL A 27 2.52 -6.96 2.37
C VAL A 27 3.84 -6.70 3.08
N ARG A 28 3.78 -6.14 4.30
CA ARG A 28 4.93 -5.56 4.97
C ARG A 28 4.58 -5.37 6.46
N GLU A 29 5.26 -4.45 7.14
CA GLU A 29 5.00 -4.06 8.52
C GLU A 29 3.78 -3.12 8.54
N LYS A 30 3.80 -2.04 9.33
CA LYS A 30 2.66 -1.15 9.46
C LYS A 30 2.32 -0.46 8.13
N CYS A 31 1.10 0.07 8.07
CA CYS A 31 0.51 0.69 6.89
C CYS A 31 1.12 2.09 6.71
N HIS A 32 1.18 2.59 5.48
CA HIS A 32 1.87 3.84 5.22
C HIS A 32 1.07 5.08 5.62
N SER A 33 1.81 6.20 5.68
CA SER A 33 1.32 7.52 6.06
C SER A 33 0.03 7.89 5.32
N ALA A 34 -0.02 7.55 4.02
CA ALA A 34 -1.13 7.85 3.14
C ALA A 34 -1.97 6.61 2.81
N CYS A 35 -2.06 5.66 3.76
CA CYS A 35 -2.87 4.47 3.63
C CYS A 35 -4.19 4.67 4.38
N LYS A 36 -5.33 4.47 3.71
CA LYS A 36 -6.66 4.72 4.26
C LYS A 36 -7.37 3.42 4.58
N SER A 37 -7.30 2.46 3.65
CA SER A 37 -7.77 1.10 3.84
C SER A 37 -6.54 0.22 4.02
N CYS A 38 -6.50 -0.54 5.12
CA CYS A 38 -5.43 -1.44 5.47
C CYS A 38 -6.02 -2.62 6.21
N LEU A 39 -5.48 -3.82 5.96
CA LEU A 39 -5.93 -5.05 6.60
C LEU A 39 -4.72 -5.98 6.72
N CYS A 40 -4.75 -6.86 7.75
CA CYS A 40 -3.64 -7.71 8.11
C CYS A 40 -4.08 -9.17 8.17
N THR A 41 -3.09 -10.07 8.22
CA THR A 41 -3.31 -11.49 8.45
C THR A 41 -3.42 -11.75 9.95
N ARG A 42 -4.14 -12.82 10.31
CA ARG A 42 -4.23 -13.30 11.68
C ARG A 42 -3.09 -14.29 12.00
N SER A 43 -2.04 -14.34 11.18
CA SER A 43 -0.90 -15.22 11.35
C SER A 43 0.04 -14.71 12.43
N PHE A 44 1.15 -15.44 12.59
CA PHE A 44 2.25 -15.10 13.48
C PHE A 44 3.57 -15.31 12.73
N PRO A 45 4.35 -14.25 12.46
CA PRO A 45 4.08 -12.85 12.77
C PRO A 45 2.95 -12.32 11.89
N PRO A 46 2.05 -11.47 12.40
CA PRO A 46 0.98 -10.88 11.63
C PRO A 46 1.57 -9.85 10.67
N GLN A 47 1.27 -10.00 9.37
CA GLN A 47 1.76 -9.15 8.31
C GLN A 47 0.60 -8.27 7.86
N CYS A 48 0.84 -6.95 7.80
CA CYS A 48 -0.18 -5.97 7.47
C CYS A 48 0.06 -5.45 6.05
N ARG A 49 -1.05 -5.08 5.41
CA ARG A 49 -1.14 -4.96 3.97
C ARG A 49 -2.02 -3.77 3.66
N CYS A 50 -1.48 -2.78 2.95
CA CYS A 50 -2.20 -1.57 2.61
C CYS A 50 -3.05 -1.83 1.37
N TYR A 51 -4.36 -1.57 1.47
CA TYR A 51 -5.34 -1.77 0.41
C TYR A 51 -6.01 -0.44 0.01
N ASP A 52 -5.30 0.67 0.21
CA ASP A 52 -5.81 2.00 -0.08
C ASP A 52 -6.21 2.10 -1.55
N ILE A 53 -7.24 2.90 -1.83
CA ILE A 53 -7.71 3.12 -3.19
C ILE A 53 -7.18 4.47 -3.61
N THR A 54 -6.59 4.50 -4.80
CA THR A 54 -5.84 5.63 -5.33
C THR A 54 -6.17 5.75 -6.83
N ASP A 55 -5.44 6.62 -7.53
CA ASP A 55 -5.51 6.78 -8.97
C ASP A 55 -4.09 6.71 -9.57
N PHE A 56 -3.13 6.22 -8.79
CA PHE A 56 -1.70 6.36 -9.03
C PHE A 56 -0.94 5.28 -8.26
N CYS A 57 0.39 5.27 -8.46
CA CYS A 57 1.34 4.40 -7.77
C CYS A 57 2.40 5.25 -7.08
N TYR A 58 2.86 4.78 -5.91
CA TYR A 58 3.93 5.36 -5.12
C TYR A 58 5.26 4.70 -5.51
N PRO A 59 6.41 5.36 -5.27
CA PRO A 59 7.71 4.75 -5.48
C PRO A 59 7.93 3.57 -4.53
N SER A 60 8.93 2.73 -4.85
CA SER A 60 9.18 1.49 -4.16
C SER A 60 9.56 1.71 -2.70
N CYS A 61 9.02 0.86 -1.82
CA CYS A 61 9.26 0.92 -0.38
C CYS A 61 10.58 0.25 -0.01
N SER A 62 10.93 0.34 1.28
CA SER A 62 12.07 -0.32 1.89
C SER A 62 11.71 -0.69 3.34
N THR A 1 17.31 1.63 7.35
CA THR A 1 17.96 2.77 8.03
C THR A 1 16.97 3.52 8.94
N LYS A 2 17.48 4.12 10.02
CA LYS A 2 16.75 5.07 10.85
C LYS A 2 16.68 6.39 10.09
N SER A 3 15.68 6.52 9.22
CA SER A 3 15.53 7.63 8.29
C SER A 3 14.05 7.85 7.99
N THR A 4 13.75 8.93 7.25
CA THR A 4 12.38 9.29 6.89
C THR A 4 11.71 8.17 6.10
N THR A 5 10.45 7.87 6.44
CA THR A 5 9.65 6.80 5.86
C THR A 5 8.39 7.42 5.27
N THR A 6 8.55 8.09 4.11
CA THR A 6 7.46 8.72 3.37
C THR A 6 6.47 7.67 2.84
N ALA A 7 5.34 8.15 2.30
CA ALA A 7 4.33 7.34 1.64
C ALA A 7 4.94 6.58 0.46
N CYS A 8 5.23 5.29 0.67
CA CYS A 8 5.81 4.42 -0.34
C CYS A 8 4.89 3.24 -0.64
N CYS A 9 5.38 2.40 -1.55
CA CYS A 9 4.71 1.28 -2.20
C CYS A 9 5.78 0.62 -3.07
N ASP A 10 5.48 -0.50 -3.73
CA ASP A 10 6.32 -0.99 -4.82
C ASP A 10 5.43 -1.59 -5.90
N PHE A 11 4.70 -2.67 -5.57
CA PHE A 11 3.82 -3.35 -6.51
C PHE A 11 2.42 -2.73 -6.41
N CYS A 12 2.06 -1.91 -7.41
CA CYS A 12 0.79 -1.21 -7.50
C CYS A 12 -0.02 -1.64 -8.73
N PRO A 13 -0.62 -2.84 -8.72
CA PRO A 13 -1.56 -3.25 -9.75
C PRO A 13 -2.84 -2.41 -9.69
N CYS A 14 -3.55 -2.34 -10.83
CA CYS A 14 -4.69 -1.48 -11.01
C CYS A 14 -5.77 -2.16 -11.87
N THR A 15 -6.97 -1.59 -11.86
CA THR A 15 -8.03 -1.92 -12.81
C THR A 15 -7.80 -1.14 -14.10
N ARG A 16 -8.45 -1.58 -15.19
CA ARG A 16 -8.49 -0.87 -16.46
C ARG A 16 -9.90 -0.30 -16.67
N SER A 17 -10.52 0.17 -15.59
CA SER A 17 -11.87 0.73 -15.60
C SER A 17 -11.82 2.22 -15.95
N ILE A 18 -13.01 2.84 -15.92
CA ILE A 18 -13.25 4.23 -16.28
C ILE A 18 -13.91 4.95 -15.10
N PRO A 19 -13.16 5.67 -14.24
CA PRO A 19 -11.71 5.81 -14.23
C PRO A 19 -11.05 4.56 -13.64
N PRO A 20 -9.75 4.36 -13.86
CA PRO A 20 -8.98 3.26 -13.27
C PRO A 20 -8.68 3.56 -11.81
N GLN A 21 -8.60 2.50 -10.99
CA GLN A 21 -8.24 2.54 -9.59
C GLN A 21 -7.06 1.59 -9.36
N CYS A 22 -6.04 2.07 -8.63
CA CYS A 22 -4.86 1.32 -8.25
C CYS A 22 -4.88 1.04 -6.74
N GLN A 23 -4.22 -0.06 -6.35
CA GLN A 23 -3.99 -0.43 -4.97
C GLN A 23 -2.57 -0.97 -4.83
N CYS A 24 -1.99 -0.83 -3.63
CA CYS A 24 -0.62 -1.22 -3.32
C CYS A 24 -0.68 -2.52 -2.53
N THR A 25 -0.09 -3.56 -3.12
CA THR A 25 -0.28 -4.95 -2.73
C THR A 25 0.95 -5.52 -2.02
N ASP A 26 1.86 -4.65 -1.55
CA ASP A 26 2.92 -5.04 -0.66
C ASP A 26 2.34 -5.47 0.68
N VAL A 27 3.07 -6.36 1.37
CA VAL A 27 2.67 -6.96 2.63
C VAL A 27 3.86 -6.85 3.58
N ARG A 28 3.68 -6.16 4.70
CA ARG A 28 4.76 -5.63 5.54
C ARG A 28 4.22 -5.39 6.95
N GLU A 29 4.93 -4.59 7.77
CA GLU A 29 4.45 -4.11 9.05
C GLU A 29 3.37 -3.05 8.81
N LYS A 30 3.28 -2.02 9.66
CA LYS A 30 2.21 -1.04 9.59
C LYS A 30 2.24 -0.30 8.25
N CYS A 31 1.07 0.21 7.85
CA CYS A 31 0.87 0.84 6.56
C CYS A 31 1.41 2.28 6.57
N HIS A 32 1.49 2.89 5.39
CA HIS A 32 2.07 4.21 5.21
C HIS A 32 1.06 5.33 5.43
N SER A 33 1.58 6.55 5.44
CA SER A 33 0.86 7.79 5.72
C SER A 33 -0.32 8.01 4.76
N ALA A 34 -0.16 7.59 3.51
CA ALA A 34 -1.15 7.79 2.46
C ALA A 34 -1.87 6.48 2.15
N CYS A 35 -2.25 5.78 3.23
CA CYS A 35 -3.01 4.54 3.20
C CYS A 35 -3.87 4.53 4.44
N LYS A 36 -5.20 4.57 4.23
CA LYS A 36 -6.19 4.92 5.24
C LYS A 36 -6.91 3.68 5.74
N SER A 37 -7.15 2.74 4.82
CA SER A 37 -7.67 1.43 5.14
C SER A 37 -6.49 0.47 5.06
N CYS A 38 -6.10 0.01 6.25
CA CYS A 38 -5.00 -0.92 6.50
C CYS A 38 -5.61 -2.16 7.14
N LEU A 39 -5.30 -3.32 6.59
CA LEU A 39 -5.89 -4.61 6.94
C LEU A 39 -4.78 -5.63 7.08
N CYS A 40 -4.95 -6.61 7.96
CA CYS A 40 -3.91 -7.58 8.29
C CYS A 40 -4.49 -8.99 8.34
N THR A 41 -3.61 -9.99 8.17
CA THR A 41 -4.00 -11.39 8.23
C THR A 41 -3.99 -11.87 9.68
N ARG A 42 -4.80 -12.90 9.95
CA ARG A 42 -4.89 -13.56 11.25
C ARG A 42 -3.90 -14.73 11.38
N SER A 43 -2.97 -14.85 10.43
CA SER A 43 -1.95 -15.89 10.41
C SER A 43 -0.91 -15.67 11.51
N PHE A 44 0.09 -16.56 11.57
CA PHE A 44 1.25 -16.43 12.43
C PHE A 44 2.50 -16.42 11.54
N PRO A 45 3.26 -15.32 11.48
CA PRO A 45 3.02 -14.05 12.15
C PRO A 45 1.85 -13.32 11.49
N PRO A 46 1.10 -12.48 12.23
CA PRO A 46 0.13 -11.57 11.64
C PRO A 46 0.92 -10.45 10.95
N GLN A 47 0.49 -10.06 9.75
CA GLN A 47 1.22 -9.13 8.89
C GLN A 47 0.22 -8.35 8.05
N CYS A 48 0.54 -7.08 7.77
CA CYS A 48 -0.43 -6.08 7.32
C CYS A 48 -0.22 -5.66 5.88
N ARG A 49 -1.26 -5.04 5.31
CA ARG A 49 -1.45 -4.75 3.90
C ARG A 49 -2.34 -3.51 3.78
N CYS A 50 -2.21 -2.79 2.66
CA CYS A 50 -3.06 -1.67 2.31
C CYS A 50 -4.28 -2.16 1.53
N TYR A 51 -5.47 -1.79 2.01
CA TYR A 51 -6.75 -1.96 1.32
C TYR A 51 -7.24 -0.60 0.81
N ASP A 52 -6.32 0.37 0.70
CA ASP A 52 -6.60 1.73 0.28
C ASP A 52 -6.62 1.81 -1.25
N ILE A 53 -7.43 2.73 -1.79
CA ILE A 53 -7.56 2.99 -3.21
C ILE A 53 -6.91 4.35 -3.51
N THR A 54 -6.12 4.41 -4.59
CA THR A 54 -5.67 5.66 -5.19
C THR A 54 -5.73 5.51 -6.70
N ASP A 55 -5.94 6.63 -7.42
CA ASP A 55 -5.82 6.67 -8.86
C ASP A 55 -4.37 6.40 -9.29
N PHE A 56 -3.43 6.91 -8.49
CA PHE A 56 -1.99 6.93 -8.77
C PHE A 56 -1.27 5.84 -7.97
N CYS A 57 0.07 5.88 -8.04
CA CYS A 57 1.00 5.01 -7.34
C CYS A 57 2.22 5.83 -6.91
N TYR A 58 2.84 5.43 -5.80
CA TYR A 58 4.03 6.05 -5.25
C TYR A 58 5.28 5.36 -5.81
N PRO A 59 6.45 6.03 -5.84
CA PRO A 59 7.69 5.42 -6.27
C PRO A 59 8.09 4.28 -5.33
N SER A 60 8.95 3.38 -5.81
CA SER A 60 9.28 2.17 -5.11
C SER A 60 9.95 2.44 -3.76
N CYS A 61 9.63 1.60 -2.78
CA CYS A 61 10.12 1.68 -1.42
C CYS A 61 11.44 0.92 -1.28
N SER A 62 12.09 1.10 -0.13
CA SER A 62 13.22 0.31 0.32
C SER A 62 12.68 -0.82 1.21
N THR A 1 15.94 21.08 5.24
CA THR A 1 16.41 20.37 6.43
C THR A 1 15.24 19.70 7.15
N LYS A 2 14.75 18.59 6.58
CA LYS A 2 13.68 17.77 7.12
C LYS A 2 13.76 16.38 6.48
N SER A 3 13.28 15.35 7.19
CA SER A 3 13.14 13.99 6.69
C SER A 3 11.98 13.32 7.43
N THR A 4 11.36 12.32 6.78
CA THR A 4 10.22 11.59 7.31
C THR A 4 10.05 10.28 6.53
N THR A 5 9.25 9.36 7.07
CA THR A 5 8.86 8.13 6.41
C THR A 5 7.74 8.42 5.39
N THR A 6 8.14 8.92 4.21
CA THR A 6 7.25 9.26 3.11
C THR A 6 6.42 8.05 2.66
N ALA A 7 5.23 8.32 2.13
CA ALA A 7 4.33 7.30 1.60
C ALA A 7 4.99 6.57 0.44
N CYS A 8 5.19 5.25 0.60
CA CYS A 8 5.77 4.37 -0.41
C CYS A 8 5.00 3.08 -0.52
N CYS A 9 5.24 2.39 -1.64
CA CYS A 9 4.55 1.18 -2.07
C CYS A 9 5.29 0.61 -3.29
N ASP A 10 5.40 -0.72 -3.36
CA ASP A 10 6.16 -1.42 -4.38
C ASP A 10 5.17 -2.00 -5.40
N PHE A 11 4.44 -3.06 -5.04
CA PHE A 11 3.45 -3.65 -5.90
C PHE A 11 2.20 -2.77 -5.87
N CYS A 12 1.95 -2.06 -6.97
CA CYS A 12 0.89 -1.08 -7.09
C CYS A 12 0.09 -1.27 -8.38
N PRO A 13 -0.59 -2.40 -8.56
CA PRO A 13 -1.41 -2.67 -9.73
C PRO A 13 -2.63 -1.74 -9.78
N CYS A 14 -3.19 -1.58 -10.98
CA CYS A 14 -4.38 -0.78 -11.21
C CYS A 14 -5.39 -1.57 -12.04
N THR A 15 -6.67 -1.21 -11.87
CA THR A 15 -7.79 -1.80 -12.59
C THR A 15 -7.93 -1.13 -13.96
N ARG A 16 -8.70 -1.77 -14.85
CA ARG A 16 -8.92 -1.32 -16.22
C ARG A 16 -10.33 -0.74 -16.38
N SER A 17 -10.92 -0.25 -15.29
CA SER A 17 -12.21 0.39 -15.27
C SER A 17 -12.09 1.85 -15.68
N ILE A 18 -13.24 2.54 -15.70
CA ILE A 18 -13.36 3.95 -16.04
C ILE A 18 -14.09 4.67 -14.90
N PRO A 19 -13.40 5.47 -14.06
CA PRO A 19 -11.95 5.69 -14.06
C PRO A 19 -11.23 4.46 -13.52
N PRO A 20 -9.94 4.30 -13.83
CA PRO A 20 -9.12 3.23 -13.26
C PRO A 20 -8.77 3.59 -11.80
N GLN A 21 -8.84 2.60 -10.91
CA GLN A 21 -8.41 2.72 -9.52
C GLN A 21 -7.10 1.96 -9.37
N CYS A 22 -6.13 2.56 -8.68
CA CYS A 22 -4.85 1.93 -8.34
C CYS A 22 -4.84 1.61 -6.87
N GLN A 23 -4.22 0.47 -6.52
CA GLN A 23 -4.23 -0.09 -5.18
C GLN A 23 -2.88 -0.78 -4.93
N CYS A 24 -2.53 -0.98 -3.65
CA CYS A 24 -1.28 -1.59 -3.25
C CYS A 24 -1.53 -3.02 -2.74
N THR A 25 -0.66 -3.94 -3.15
CA THR A 25 -0.80 -5.38 -2.88
C THR A 25 0.39 -5.92 -2.07
N ASP A 26 1.49 -5.17 -1.97
CA ASP A 26 2.66 -5.61 -1.23
C ASP A 26 2.35 -5.75 0.26
N VAL A 27 3.07 -6.68 0.89
CA VAL A 27 2.82 -7.15 2.24
C VAL A 27 4.05 -6.81 3.09
N ARG A 28 3.85 -5.98 4.11
CA ARG A 28 4.90 -5.38 4.94
C ARG A 28 4.42 -5.35 6.41
N GLU A 29 5.12 -4.60 7.27
CA GLU A 29 4.67 -4.26 8.60
C GLU A 29 3.62 -3.14 8.46
N LYS A 30 3.70 -2.05 9.25
CA LYS A 30 2.65 -1.04 9.24
C LYS A 30 2.51 -0.41 7.86
N CYS A 31 1.27 0.02 7.59
CA CYS A 31 0.83 0.60 6.34
C CYS A 31 1.06 2.11 6.36
N HIS A 32 1.26 2.67 5.17
CA HIS A 32 1.93 3.97 5.03
C HIS A 32 1.07 5.16 5.48
N SER A 33 1.76 6.30 5.59
CA SER A 33 1.23 7.59 6.03
C SER A 33 -0.03 7.98 5.27
N ALA A 34 -0.06 7.68 3.97
CA ALA A 34 -1.15 8.03 3.07
C ALA A 34 -2.00 6.80 2.73
N CYS A 35 -2.12 5.86 3.68
CA CYS A 35 -2.96 4.68 3.57
C CYS A 35 -4.20 4.89 4.45
N LYS A 36 -5.39 4.70 3.88
CA LYS A 36 -6.67 4.99 4.52
C LYS A 36 -7.39 3.70 4.89
N SER A 37 -7.44 2.76 3.94
CA SER A 37 -7.94 1.40 4.16
C SER A 37 -6.74 0.47 4.23
N CYS A 38 -6.70 -0.38 5.26
CA CYS A 38 -5.58 -1.25 5.56
C CYS A 38 -6.12 -2.45 6.35
N LEU A 39 -5.51 -3.62 6.14
CA LEU A 39 -5.90 -4.85 6.83
C LEU A 39 -4.69 -5.74 7.00
N CYS A 40 -4.70 -6.54 8.09
CA CYS A 40 -3.65 -7.48 8.42
C CYS A 40 -4.25 -8.86 8.66
N THR A 41 -3.39 -9.89 8.55
CA THR A 41 -3.80 -11.27 8.72
C THR A 41 -3.86 -11.64 10.19
N ARG A 42 -4.68 -12.65 10.48
CA ARG A 42 -4.76 -13.32 11.77
C ARG A 42 -3.84 -14.55 11.79
N SER A 43 -2.78 -14.53 10.98
CA SER A 43 -1.78 -15.58 10.88
C SER A 43 -0.67 -15.37 11.90
N PHE A 44 0.29 -16.30 11.90
CA PHE A 44 1.43 -16.36 12.77
C PHE A 44 2.69 -16.55 11.90
N PRO A 45 3.52 -15.52 11.69
CA PRO A 45 3.37 -14.15 12.19
C PRO A 45 2.25 -13.41 11.44
N PRO A 46 1.65 -12.39 12.07
CA PRO A 46 0.65 -11.54 11.43
C PRO A 46 1.34 -10.56 10.48
N GLN A 47 0.84 -10.48 9.24
CA GLN A 47 1.41 -9.67 8.17
C GLN A 47 0.36 -8.67 7.69
N CYS A 48 0.77 -7.42 7.45
CA CYS A 48 -0.12 -6.31 7.14
C CYS A 48 0.03 -5.88 5.67
N ARG A 49 -1.03 -5.24 5.15
CA ARG A 49 -1.10 -4.77 3.78
C ARG A 49 -2.05 -3.58 3.68
N CYS A 50 -1.68 -2.63 2.83
CA CYS A 50 -2.40 -1.37 2.61
C CYS A 50 -3.39 -1.56 1.46
N TYR A 51 -4.68 -1.34 1.72
CA TYR A 51 -5.78 -1.58 0.79
C TYR A 51 -6.35 -0.25 0.26
N ASP A 52 -5.57 0.83 0.33
CA ASP A 52 -6.01 2.17 -0.04
C ASP A 52 -6.37 2.23 -1.53
N ILE A 53 -7.31 3.12 -1.87
CA ILE A 53 -7.76 3.35 -3.23
C ILE A 53 -7.17 4.68 -3.68
N THR A 54 -6.48 4.65 -4.81
CA THR A 54 -5.81 5.79 -5.42
C THR A 54 -6.08 5.79 -6.91
N ASP A 55 -5.37 6.64 -7.65
CA ASP A 55 -5.36 6.72 -9.09
C ASP A 55 -3.93 6.68 -9.65
N PHE A 56 -2.96 6.41 -8.79
CA PHE A 56 -1.53 6.53 -9.04
C PHE A 56 -0.76 5.49 -8.23
N CYS A 57 0.57 5.55 -8.32
CA CYS A 57 1.48 4.72 -7.55
C CYS A 57 2.56 5.60 -6.93
N TYR A 58 2.99 5.24 -5.71
CA TYR A 58 4.08 5.85 -4.99
C TYR A 58 5.39 5.15 -5.36
N PRO A 59 6.57 5.78 -5.15
CA PRO A 59 7.85 5.11 -5.36
C PRO A 59 7.99 3.90 -4.43
N SER A 60 8.94 3.03 -4.77
CA SER A 60 9.22 1.78 -4.07
C SER A 60 9.47 2.02 -2.58
N CYS A 61 8.92 1.12 -1.77
CA CYS A 61 9.05 1.12 -0.31
C CYS A 61 10.14 0.14 0.12
N SER A 62 10.41 0.13 1.43
CA SER A 62 11.42 -0.68 2.07
C SER A 62 10.80 -1.39 3.26
N THR A 1 18.67 7.46 10.11
CA THR A 1 19.87 8.25 9.77
C THR A 1 19.49 9.44 8.89
N LYS A 2 19.22 9.19 7.60
CA LYS A 2 18.69 10.16 6.66
C LYS A 2 17.18 10.33 6.89
N SER A 3 16.51 11.04 5.96
CA SER A 3 15.09 11.37 6.04
C SER A 3 14.21 10.12 6.20
N THR A 4 13.02 10.32 6.78
CA THR A 4 12.09 9.25 7.11
C THR A 4 11.56 8.53 5.86
N THR A 5 11.00 7.34 6.06
CA THR A 5 10.29 6.57 5.04
C THR A 5 8.90 7.18 4.82
N THR A 6 8.86 8.20 3.96
CA THR A 6 7.63 8.82 3.50
C THR A 6 6.74 7.81 2.77
N ALA A 7 5.52 8.24 2.41
CA ALA A 7 4.55 7.43 1.69
C ALA A 7 5.18 6.75 0.48
N CYS A 8 5.35 5.43 0.58
CA CYS A 8 5.95 4.59 -0.45
C CYS A 8 5.04 3.40 -0.73
N CYS A 9 5.52 2.51 -1.59
CA CYS A 9 4.91 1.23 -1.94
C CYS A 9 5.91 0.48 -2.82
N ASP A 10 5.80 -0.86 -2.89
CA ASP A 10 6.70 -1.70 -3.67
C ASP A 10 5.97 -2.16 -4.93
N PHE A 11 4.85 -2.89 -4.74
CA PHE A 11 4.05 -3.46 -5.81
C PHE A 11 2.68 -2.80 -5.78
N CYS A 12 2.37 -2.07 -6.87
CA CYS A 12 1.17 -1.24 -7.00
C CYS A 12 0.45 -1.49 -8.33
N PRO A 13 -0.32 -2.59 -8.44
CA PRO A 13 -1.16 -2.83 -9.61
C PRO A 13 -2.35 -1.86 -9.63
N CYS A 14 -2.96 -1.74 -10.82
CA CYS A 14 -4.12 -0.91 -11.07
C CYS A 14 -5.16 -1.71 -11.85
N THR A 15 -6.42 -1.27 -11.74
CA THR A 15 -7.57 -1.91 -12.36
C THR A 15 -7.73 -1.42 -13.80
N ARG A 16 -8.55 -2.14 -14.57
CA ARG A 16 -8.87 -1.85 -15.97
C ARG A 16 -10.30 -1.34 -16.14
N SER A 17 -11.02 -1.12 -15.03
CA SER A 17 -12.34 -0.53 -14.99
C SER A 17 -12.28 0.96 -15.28
N ILE A 18 -13.47 1.58 -15.35
CA ILE A 18 -13.67 2.99 -15.68
C ILE A 18 -14.46 3.66 -14.56
N PRO A 19 -13.90 4.63 -13.82
CA PRO A 19 -12.52 5.07 -13.85
C PRO A 19 -11.60 3.98 -13.26
N PRO A 20 -10.33 3.90 -13.68
CA PRO A 20 -9.37 2.96 -13.13
C PRO A 20 -8.83 3.50 -11.80
N GLN A 21 -8.72 2.63 -10.79
CA GLN A 21 -8.07 2.88 -9.52
C GLN A 21 -6.76 2.10 -9.46
N CYS A 22 -5.78 2.65 -8.72
CA CYS A 22 -4.54 2.00 -8.35
C CYS A 22 -4.52 1.77 -6.85
N GLN A 23 -3.85 0.70 -6.45
CA GLN A 23 -3.75 0.24 -5.07
C GLN A 23 -2.49 -0.60 -4.91
N CYS A 24 -2.12 -0.92 -3.66
CA CYS A 24 -0.93 -1.72 -3.37
C CYS A 24 -1.30 -3.13 -2.94
N THR A 25 -0.49 -4.09 -3.39
CA THR A 25 -0.64 -5.51 -3.12
C THR A 25 0.45 -5.99 -2.16
N ASP A 26 1.61 -5.32 -2.14
CA ASP A 26 2.74 -5.73 -1.30
C ASP A 26 2.34 -5.77 0.17
N VAL A 27 2.89 -6.77 0.84
CA VAL A 27 2.58 -7.14 2.22
C VAL A 27 3.83 -6.86 3.05
N ARG A 28 3.64 -6.23 4.22
CA ARG A 28 4.72 -5.80 5.09
C ARG A 28 4.14 -5.56 6.50
N GLU A 29 4.74 -4.63 7.26
CA GLU A 29 4.22 -4.21 8.55
C GLU A 29 3.08 -3.21 8.33
N LYS A 30 2.88 -2.27 9.28
CA LYS A 30 1.81 -1.30 9.21
C LYS A 30 1.92 -0.44 7.96
N CYS A 31 0.79 0.16 7.57
CA CYS A 31 0.65 0.85 6.30
C CYS A 31 1.23 2.26 6.38
N HIS A 32 1.48 2.86 5.21
CA HIS A 32 2.13 4.16 5.10
C HIS A 32 1.17 5.31 5.37
N SER A 33 1.75 6.51 5.44
CA SER A 33 1.08 7.76 5.76
C SER A 33 -0.13 8.06 4.85
N ALA A 34 -0.08 7.56 3.61
CA ALA A 34 -1.11 7.74 2.61
C ALA A 34 -1.87 6.43 2.38
N CYS A 35 -2.28 5.80 3.49
CA CYS A 35 -3.28 4.74 3.51
C CYS A 35 -4.33 5.10 4.55
N LYS A 36 -5.61 4.95 4.19
CA LYS A 36 -6.76 5.29 5.01
C LYS A 36 -7.36 4.00 5.56
N SER A 37 -7.45 2.98 4.70
CA SER A 37 -7.83 1.63 5.08
C SER A 37 -6.57 0.77 5.05
N CYS A 38 -6.36 0.02 6.13
CA CYS A 38 -5.23 -0.85 6.35
C CYS A 38 -5.76 -2.13 7.00
N LEU A 39 -5.35 -3.29 6.48
CA LEU A 39 -5.90 -4.59 6.85
C LEU A 39 -4.76 -5.59 7.00
N CYS A 40 -4.94 -6.57 7.89
CA CYS A 40 -3.94 -7.58 8.18
C CYS A 40 -4.59 -8.95 8.28
N THR A 41 -3.79 -10.01 8.10
CA THR A 41 -4.25 -11.38 8.26
C THR A 41 -4.11 -11.81 9.73
N ARG A 42 -4.94 -12.79 10.13
CA ARG A 42 -4.90 -13.41 11.43
C ARG A 42 -3.98 -14.63 11.45
N SER A 43 -3.21 -14.84 10.37
CA SER A 43 -2.20 -15.88 10.29
C SER A 43 -1.06 -15.63 11.28
N PHE A 44 -0.10 -16.56 11.33
CA PHE A 44 1.11 -16.43 12.13
C PHE A 44 2.32 -16.57 11.19
N PRO A 45 3.12 -15.51 10.98
CA PRO A 45 3.01 -14.19 11.59
C PRO A 45 1.83 -13.40 10.99
N PRO A 46 1.16 -12.54 11.78
CA PRO A 46 0.08 -11.68 11.29
C PRO A 46 0.70 -10.52 10.51
N GLN A 47 0.58 -10.56 9.17
CA GLN A 47 1.22 -9.62 8.27
C GLN A 47 0.17 -8.68 7.68
N CYS A 48 0.56 -7.43 7.39
CA CYS A 48 -0.34 -6.33 7.10
C CYS A 48 -0.17 -5.79 5.68
N ARG A 49 -1.20 -5.10 5.18
CA ARG A 49 -1.28 -4.61 3.81
C ARG A 49 -2.23 -3.40 3.75
N CYS A 50 -1.94 -2.50 2.82
CA CYS A 50 -2.73 -1.30 2.55
C CYS A 50 -3.92 -1.64 1.65
N TYR A 51 -5.09 -1.11 1.99
CA TYR A 51 -6.36 -1.33 1.29
C TYR A 51 -6.96 -0.01 0.80
N ASP A 52 -6.15 1.05 0.72
CA ASP A 52 -6.57 2.37 0.26
C ASP A 52 -6.62 2.40 -1.26
N ILE A 53 -7.54 3.22 -1.80
CA ILE A 53 -7.76 3.39 -3.22
C ILE A 53 -7.25 4.77 -3.63
N THR A 54 -6.48 4.83 -4.74
CA THR A 54 -5.98 6.04 -5.35
C THR A 54 -6.12 5.91 -6.87
N ASP A 55 -5.52 6.83 -7.63
CA ASP A 55 -5.40 6.78 -9.08
C ASP A 55 -3.92 6.73 -9.51
N PHE A 56 -3.00 6.61 -8.55
CA PHE A 56 -1.56 6.74 -8.74
C PHE A 56 -0.82 5.74 -7.85
N CYS A 57 0.51 5.80 -7.92
CA CYS A 57 1.41 5.03 -7.09
C CYS A 57 2.60 5.90 -6.69
N TYR A 58 3.10 5.69 -5.47
CA TYR A 58 4.27 6.34 -4.92
C TYR A 58 5.54 5.68 -5.46
N PRO A 59 6.68 6.38 -5.46
CA PRO A 59 7.95 5.80 -5.88
C PRO A 59 8.33 4.60 -5.01
N SER A 60 9.13 3.69 -5.58
CA SER A 60 9.39 2.39 -5.01
C SER A 60 10.01 2.48 -3.62
N CYS A 61 9.53 1.61 -2.72
CA CYS A 61 10.05 1.49 -1.36
C CYS A 61 11.23 0.51 -1.33
N SER A 62 11.75 0.25 -0.14
CA SER A 62 12.69 -0.83 0.12
C SER A 62 11.96 -2.18 0.06
N THR A 1 21.24 1.57 4.01
CA THR A 1 20.07 2.43 3.73
C THR A 1 18.96 2.19 4.74
N LYS A 2 18.59 3.22 5.51
CA LYS A 2 17.47 3.19 6.45
C LYS A 2 16.69 4.50 6.35
N SER A 3 15.36 4.41 6.52
CA SER A 3 14.44 5.54 6.47
C SER A 3 13.14 5.15 7.19
N THR A 4 12.33 6.15 7.54
CA THR A 4 11.02 5.96 8.15
C THR A 4 10.01 5.43 7.13
N THR A 5 8.84 5.00 7.61
CA THR A 5 7.77 4.45 6.79
C THR A 5 7.00 5.56 6.07
N THR A 6 7.68 6.22 5.11
CA THR A 6 7.11 7.23 4.24
C THR A 6 6.03 6.62 3.33
N ALA A 7 5.23 7.49 2.70
CA ALA A 7 4.18 7.09 1.79
C ALA A 7 4.76 6.51 0.51
N CYS A 8 5.05 5.21 0.55
CA CYS A 8 5.68 4.44 -0.51
C CYS A 8 4.74 3.31 -0.95
N CYS A 9 5.32 2.40 -1.73
CA CYS A 9 4.69 1.18 -2.21
C CYS A 9 5.80 0.27 -2.69
N ASP A 10 5.44 -0.91 -3.20
CA ASP A 10 6.33 -1.74 -3.98
C ASP A 10 5.52 -2.37 -5.13
N PHE A 11 4.44 -3.08 -4.79
CA PHE A 11 3.53 -3.67 -5.77
C PHE A 11 2.38 -2.69 -6.00
N CYS A 12 2.31 -2.13 -7.22
CA CYS A 12 1.31 -1.17 -7.65
C CYS A 12 0.40 -1.77 -8.75
N PRO A 13 -0.45 -2.76 -8.45
CA PRO A 13 -1.44 -3.23 -9.41
C PRO A 13 -2.64 -2.27 -9.43
N CYS A 14 -3.46 -2.41 -10.47
CA CYS A 14 -4.62 -1.58 -10.68
C CYS A 14 -5.63 -2.30 -11.56
N THR A 15 -6.87 -1.80 -11.56
CA THR A 15 -7.90 -2.27 -12.48
C THR A 15 -7.61 -1.75 -13.90
N ARG A 16 -8.44 -2.17 -14.85
CA ARG A 16 -8.47 -1.65 -16.21
C ARG A 16 -9.70 -0.76 -16.45
N SER A 17 -10.49 -0.52 -15.40
CA SER A 17 -11.77 0.17 -15.46
C SER A 17 -11.59 1.68 -15.49
N ILE A 18 -12.75 2.36 -15.56
CA ILE A 18 -12.89 3.79 -15.72
C ILE A 18 -13.92 4.28 -14.69
N PRO A 19 -13.50 4.99 -13.62
CA PRO A 19 -12.13 5.33 -13.27
C PRO A 19 -11.33 4.12 -12.84
N PRO A 20 -9.99 4.18 -12.91
CA PRO A 20 -9.09 3.11 -12.50
C PRO A 20 -8.94 3.10 -10.98
N GLN A 21 -9.00 1.91 -10.37
CA GLN A 21 -8.80 1.70 -8.95
C GLN A 21 -7.42 1.06 -8.79
N CYS A 22 -6.43 1.87 -8.39
CA CYS A 22 -5.05 1.45 -8.21
C CYS A 22 -4.74 1.41 -6.72
N GLN A 23 -3.94 0.41 -6.31
CA GLN A 23 -3.68 0.13 -4.90
C GLN A 23 -2.21 -0.22 -4.67
N CYS A 24 -1.87 -0.45 -3.40
CA CYS A 24 -0.65 -1.11 -2.97
C CYS A 24 -1.04 -2.50 -2.48
N THR A 25 -0.33 -3.54 -2.94
CA THR A 25 -0.62 -4.92 -2.57
C THR A 25 0.58 -5.60 -1.89
N ASP A 26 1.71 -4.91 -1.76
CA ASP A 26 2.86 -5.42 -1.05
C ASP A 26 2.54 -5.54 0.44
N VAL A 27 2.99 -6.65 1.01
CA VAL A 27 2.66 -7.11 2.36
C VAL A 27 3.95 -7.02 3.19
N ARG A 28 3.91 -6.24 4.26
CA ARG A 28 5.07 -5.75 5.00
C ARG A 28 4.66 -5.55 6.47
N GLU A 29 5.44 -4.77 7.22
CA GLU A 29 5.01 -4.25 8.51
C GLU A 29 3.89 -3.21 8.28
N LYS A 30 3.71 -2.26 9.19
CA LYS A 30 2.56 -1.36 9.16
C LYS A 30 2.40 -0.62 7.84
N CYS A 31 1.14 -0.32 7.54
CA CYS A 31 0.73 0.45 6.38
C CYS A 31 1.26 1.89 6.45
N HIS A 32 1.59 2.43 5.28
CA HIS A 32 2.39 3.64 5.16
C HIS A 32 1.67 4.90 5.59
N SER A 33 2.41 6.01 5.57
CA SER A 33 1.96 7.32 6.03
C SER A 33 0.99 8.01 5.04
N ALA A 34 0.25 7.24 4.23
CA ALA A 34 -0.82 7.76 3.38
C ALA A 34 -1.79 6.63 3.05
N CYS A 35 -2.44 6.07 4.08
CA CYS A 35 -3.38 4.98 3.95
C CYS A 35 -4.70 5.34 4.62
N LYS A 36 -5.80 5.14 3.89
CA LYS A 36 -7.16 5.45 4.31
C LYS A 36 -7.85 4.14 4.66
N SER A 37 -7.68 3.13 3.80
CA SER A 37 -8.02 1.74 4.10
C SER A 37 -6.71 0.97 4.27
N CYS A 38 -6.70 0.07 5.26
CA CYS A 38 -5.59 -0.78 5.62
C CYS A 38 -6.14 -2.00 6.34
N LEU A 39 -5.47 -3.15 6.17
CA LEU A 39 -5.85 -4.38 6.86
C LEU A 39 -4.63 -5.31 6.93
N CYS A 40 -4.64 -6.21 7.91
CA CYS A 40 -3.59 -7.19 8.12
C CYS A 40 -4.17 -8.59 8.15
N THR A 41 -3.30 -9.58 7.95
CA THR A 41 -3.70 -10.98 7.85
C THR A 41 -3.97 -11.55 9.23
N ARG A 42 -4.80 -12.60 9.28
CA ARG A 42 -5.09 -13.36 10.49
C ARG A 42 -4.13 -14.55 10.64
N SER A 43 -3.07 -14.62 9.85
CA SER A 43 -2.06 -15.65 9.93
C SER A 43 -1.17 -15.44 11.15
N PHE A 44 -0.25 -16.39 11.35
CA PHE A 44 0.79 -16.34 12.37
C PHE A 44 2.14 -16.61 11.68
N PRO A 45 3.05 -15.61 11.61
CA PRO A 45 2.89 -14.24 12.09
C PRO A 45 1.87 -13.48 11.22
N PRO A 46 1.15 -12.51 11.79
CA PRO A 46 0.28 -11.61 11.04
C PRO A 46 1.14 -10.60 10.27
N GLN A 47 0.62 -10.07 9.17
CA GLN A 47 1.37 -9.21 8.27
C GLN A 47 0.43 -8.21 7.60
N CYS A 48 0.86 -6.94 7.48
CA CYS A 48 -0.01 -5.82 7.19
C CYS A 48 0.17 -5.28 5.77
N ARG A 49 -0.89 -4.65 5.25
CA ARG A 49 -0.94 -4.12 3.90
C ARG A 49 -1.91 -2.94 3.85
N CYS A 50 -1.61 -1.99 2.96
CA CYS A 50 -2.31 -0.73 2.78
C CYS A 50 -3.24 -0.85 1.58
N TYR A 51 -4.55 -0.69 1.80
CA TYR A 51 -5.58 -0.96 0.80
C TYR A 51 -6.21 0.34 0.27
N ASP A 52 -5.46 1.45 0.29
CA ASP A 52 -5.92 2.74 -0.17
C ASP A 52 -6.25 2.69 -1.66
N ILE A 53 -7.35 3.34 -2.05
CA ILE A 53 -7.90 3.34 -3.40
C ILE A 53 -7.58 4.71 -4.00
N THR A 54 -6.69 4.74 -5.00
CA THR A 54 -6.28 5.97 -5.68
C THR A 54 -6.19 5.70 -7.18
N ASP A 55 -6.21 6.79 -7.97
CA ASP A 55 -5.99 6.73 -9.41
C ASP A 55 -4.51 6.50 -9.76
N PHE A 56 -3.61 6.81 -8.81
CA PHE A 56 -2.17 6.71 -8.94
C PHE A 56 -1.63 5.66 -7.96
N CYS A 57 -0.30 5.58 -7.87
CA CYS A 57 0.41 4.78 -6.88
C CYS A 57 1.69 5.50 -6.49
N TYR A 58 2.20 5.22 -5.28
CA TYR A 58 3.43 5.80 -4.76
C TYR A 58 4.64 5.03 -5.30
N PRO A 59 5.83 5.65 -5.32
CA PRO A 59 7.03 5.02 -5.85
C PRO A 59 7.54 3.93 -4.91
N SER A 60 8.61 3.23 -5.33
CA SER A 60 9.19 2.13 -4.60
C SER A 60 9.76 2.57 -3.26
N CYS A 61 9.59 1.70 -2.26
CA CYS A 61 10.03 1.91 -0.89
C CYS A 61 11.51 1.55 -0.72
N SER A 62 11.96 1.50 0.54
CA SER A 62 13.23 0.93 0.94
C SER A 62 13.02 0.14 2.25
N THR A 1 15.80 4.33 2.70
CA THR A 1 15.97 3.79 4.06
C THR A 1 16.72 4.78 4.97
N LYS A 2 16.09 5.92 5.28
CA LYS A 2 16.63 6.93 6.19
C LYS A 2 15.52 7.88 6.62
N SER A 3 14.86 8.52 5.64
CA SER A 3 13.73 9.42 5.86
C SER A 3 12.57 8.67 6.54
N THR A 4 11.97 9.29 7.54
CA THR A 4 10.89 8.72 8.35
C THR A 4 9.75 8.19 7.46
N THR A 5 9.47 6.88 7.60
CA THR A 5 8.45 6.08 6.91
C THR A 5 7.62 6.84 5.88
N THR A 6 8.19 7.05 4.70
CA THR A 6 7.57 7.82 3.63
C THR A 6 6.35 7.08 3.07
N ALA A 7 5.45 7.83 2.43
CA ALA A 7 4.31 7.26 1.74
C ALA A 7 4.79 6.57 0.47
N CYS A 8 5.05 5.26 0.56
CA CYS A 8 5.47 4.45 -0.56
C CYS A 8 4.87 3.05 -0.50
N CYS A 9 5.05 2.34 -1.60
CA CYS A 9 4.41 1.08 -1.93
C CYS A 9 5.28 0.40 -2.98
N ASP A 10 5.24 -0.94 -3.06
CA ASP A 10 6.16 -1.73 -3.86
C ASP A 10 5.44 -2.29 -5.08
N PHE A 11 4.54 -3.26 -4.87
CA PHE A 11 3.67 -3.78 -5.91
C PHE A 11 2.40 -2.95 -5.93
N CYS A 12 2.19 -2.17 -7.00
CA CYS A 12 1.02 -1.33 -7.16
C CYS A 12 0.31 -1.57 -8.49
N PRO A 13 -0.33 -2.74 -8.68
CA PRO A 13 -1.12 -3.02 -9.86
C PRO A 13 -2.41 -2.18 -9.86
N CYS A 14 -2.99 -2.02 -11.05
CA CYS A 14 -4.18 -1.21 -11.27
C CYS A 14 -5.16 -1.93 -12.19
N THR A 15 -6.43 -1.53 -12.12
CA THR A 15 -7.47 -1.98 -13.02
C THR A 15 -7.36 -1.22 -14.32
N ARG A 16 -8.02 -1.74 -15.36
CA ARG A 16 -8.18 -1.07 -16.65
C ARG A 16 -9.65 -0.72 -16.88
N SER A 17 -10.37 -0.40 -15.79
CA SER A 17 -11.69 0.19 -15.83
C SER A 17 -11.57 1.69 -16.11
N ILE A 18 -12.73 2.34 -16.23
CA ILE A 18 -12.86 3.78 -16.45
C ILE A 18 -13.80 4.33 -15.38
N PRO A 19 -13.32 5.14 -14.42
CA PRO A 19 -11.92 5.47 -14.20
C PRO A 19 -11.16 4.24 -13.69
N PRO A 20 -9.82 4.19 -13.86
CA PRO A 20 -8.99 3.11 -13.34
C PRO A 20 -8.65 3.36 -11.86
N GLN A 21 -8.52 2.26 -11.09
CA GLN A 21 -8.20 2.26 -9.67
C GLN A 21 -6.91 1.47 -9.48
N CYS A 22 -5.94 2.05 -8.76
CA CYS A 22 -4.69 1.42 -8.39
C CYS A 22 -4.73 1.09 -6.90
N GLN A 23 -4.12 -0.05 -6.55
CA GLN A 23 -4.09 -0.61 -5.22
C GLN A 23 -2.70 -1.19 -4.94
N CYS A 24 -2.37 -1.38 -3.65
CA CYS A 24 -1.10 -1.92 -3.21
C CYS A 24 -1.30 -3.35 -2.70
N THR A 25 -0.52 -4.28 -3.25
CA THR A 25 -0.66 -5.71 -3.00
C THR A 25 0.48 -6.27 -2.16
N ASP A 26 1.61 -5.55 -2.05
CA ASP A 26 2.72 -5.94 -1.22
C ASP A 26 2.34 -6.00 0.24
N VAL A 27 2.90 -6.99 0.93
CA VAL A 27 2.62 -7.32 2.33
C VAL A 27 3.89 -7.06 3.13
N ARG A 28 3.74 -6.44 4.32
CA ARG A 28 4.89 -6.03 5.13
C ARG A 28 4.41 -5.84 6.58
N GLU A 29 5.10 -4.98 7.35
CA GLU A 29 4.64 -4.49 8.62
C GLU A 29 3.57 -3.42 8.39
N LYS A 30 3.39 -2.49 9.33
CA LYS A 30 2.30 -1.54 9.33
C LYS A 30 2.28 -0.68 8.06
N CYS A 31 1.12 -0.12 7.76
CA CYS A 31 0.87 0.64 6.55
C CYS A 31 1.56 2.00 6.60
N HIS A 32 1.66 2.65 5.42
CA HIS A 32 2.45 3.86 5.27
C HIS A 32 1.73 5.10 5.80
N SER A 33 2.51 6.18 5.89
CA SER A 33 2.12 7.45 6.50
C SER A 33 0.88 8.08 5.86
N ALA A 34 0.58 7.72 4.60
CA ALA A 34 -0.55 8.25 3.85
C ALA A 34 -1.51 7.14 3.41
N CYS A 35 -1.59 6.06 4.20
CA CYS A 35 -2.57 5.01 3.99
C CYS A 35 -3.86 5.36 4.72
N LYS A 36 -5.02 5.12 4.11
CA LYS A 36 -6.33 5.50 4.63
C LYS A 36 -7.03 4.25 5.19
N SER A 37 -7.11 3.20 4.37
CA SER A 37 -7.63 1.90 4.76
C SER A 37 -6.45 0.95 4.88
N CYS A 38 -6.26 0.40 6.08
CA CYS A 38 -5.19 -0.54 6.41
C CYS A 38 -5.82 -1.78 7.04
N LEU A 39 -5.33 -2.97 6.68
CA LEU A 39 -5.83 -4.22 7.24
C LEU A 39 -4.65 -5.20 7.38
N CYS A 40 -4.78 -6.14 8.33
CA CYS A 40 -3.77 -7.14 8.61
C CYS A 40 -4.42 -8.51 8.67
N THR A 41 -3.61 -9.56 8.42
CA THR A 41 -4.10 -10.93 8.42
C THR A 41 -3.98 -11.53 9.83
N ARG A 42 -4.86 -12.50 10.14
CA ARG A 42 -4.83 -13.25 11.37
C ARG A 42 -3.93 -14.50 11.27
N SER A 43 -3.07 -14.56 10.23
CA SER A 43 -2.07 -15.60 10.08
C SER A 43 -1.01 -15.49 11.17
N PHE A 44 -0.12 -16.49 11.23
CA PHE A 44 1.00 -16.51 12.15
C PHE A 44 2.30 -16.72 11.36
N PRO A 45 3.21 -15.73 11.31
CA PRO A 45 3.09 -14.41 11.91
C PRO A 45 2.05 -13.55 11.16
N PRO A 46 1.43 -12.58 11.82
CA PRO A 46 0.48 -11.65 11.22
C PRO A 46 1.23 -10.48 10.56
N GLN A 47 0.96 -10.23 9.28
CA GLN A 47 1.49 -9.09 8.53
C GLN A 47 0.35 -8.15 8.16
N CYS A 48 0.70 -6.89 7.88
CA CYS A 48 -0.22 -5.84 7.52
C CYS A 48 0.00 -5.40 6.06
N ARG A 49 -1.02 -4.76 5.48
CA ARG A 49 -1.06 -4.35 4.09
C ARG A 49 -2.04 -3.20 3.94
N CYS A 50 -1.70 -2.28 3.03
CA CYS A 50 -2.43 -1.05 2.80
C CYS A 50 -3.46 -1.27 1.70
N TYR A 51 -4.73 -1.02 2.02
CA TYR A 51 -5.89 -1.29 1.17
C TYR A 51 -6.43 0.00 0.54
N ASP A 52 -5.74 1.13 0.75
CA ASP A 52 -6.11 2.41 0.17
C ASP A 52 -6.11 2.32 -1.35
N ILE A 53 -7.22 2.73 -1.97
CA ILE A 53 -7.42 2.70 -3.41
C ILE A 53 -7.33 4.14 -3.90
N THR A 54 -6.53 4.38 -4.93
CA THR A 54 -6.37 5.70 -5.54
C THR A 54 -6.20 5.56 -7.04
N ASP A 55 -6.57 6.60 -7.78
CA ASP A 55 -6.35 6.68 -9.22
C ASP A 55 -4.85 6.68 -9.52
N PHE A 56 -4.08 7.39 -8.70
CA PHE A 56 -2.62 7.40 -8.75
C PHE A 56 -2.05 6.30 -7.88
N CYS A 57 -0.72 6.24 -7.78
CA CYS A 57 -0.01 5.46 -6.79
C CYS A 57 1.33 6.11 -6.48
N TYR A 58 1.82 5.87 -5.26
CA TYR A 58 3.12 6.32 -4.79
C TYR A 58 4.22 5.48 -5.44
N PRO A 59 5.44 6.01 -5.61
CA PRO A 59 6.55 5.30 -6.24
C PRO A 59 7.09 4.19 -5.32
N SER A 60 8.12 3.47 -5.80
CA SER A 60 8.71 2.33 -5.14
C SER A 60 9.20 2.69 -3.74
N CYS A 61 8.93 1.78 -2.80
CA CYS A 61 9.35 1.89 -1.41
C CYS A 61 10.74 1.31 -1.21
N SER A 62 11.27 1.53 0.00
CA SER A 62 12.61 1.21 0.51
C SER A 62 13.11 2.45 1.25
N THR A 1 10.07 21.97 3.14
CA THR A 1 8.94 21.13 2.68
C THR A 1 8.75 19.93 3.61
N LYS A 2 7.66 19.18 3.42
CA LYS A 2 7.31 18.05 4.28
C LYS A 2 8.22 16.86 3.99
N SER A 3 9.26 16.70 4.81
CA SER A 3 10.30 15.69 4.66
C SER A 3 10.23 14.71 5.83
N THR A 4 9.23 13.81 5.82
CA THR A 4 9.04 12.77 6.83
C THR A 4 8.25 11.62 6.21
N THR A 5 8.17 10.49 6.94
CA THR A 5 7.49 9.23 6.64
C THR A 5 6.73 9.24 5.30
N THR A 6 7.45 8.95 4.22
CA THR A 6 6.94 9.04 2.87
C THR A 6 6.07 7.83 2.53
N ALA A 7 5.07 8.04 1.68
CA ALA A 7 4.26 6.97 1.12
C ALA A 7 5.13 6.07 0.25
N CYS A 8 4.95 4.75 0.39
CA CYS A 8 5.57 3.80 -0.53
C CYS A 8 4.83 2.48 -0.55
N CYS A 9 5.16 1.70 -1.57
CA CYS A 9 4.57 0.41 -1.90
C CYS A 9 5.45 -0.27 -2.94
N ASP A 10 5.40 -1.60 -3.04
CA ASP A 10 6.15 -2.37 -4.02
C ASP A 10 5.20 -2.80 -5.12
N PHE A 11 4.26 -3.70 -4.80
CA PHE A 11 3.29 -4.20 -5.75
C PHE A 11 2.12 -3.23 -5.81
N CYS A 12 2.11 -2.36 -6.82
CA CYS A 12 1.04 -1.37 -7.05
C CYS A 12 0.33 -1.63 -8.37
N PRO A 13 -0.58 -2.62 -8.46
CA PRO A 13 -1.44 -2.80 -9.61
C PRO A 13 -2.54 -1.73 -9.63
N CYS A 14 -3.10 -1.51 -10.82
CA CYS A 14 -4.24 -0.64 -11.04
C CYS A 14 -5.23 -1.36 -11.94
N THR A 15 -6.50 -0.95 -11.86
CA THR A 15 -7.57 -1.50 -12.68
C THR A 15 -7.50 -0.93 -14.09
N ARG A 16 -8.31 -1.51 -14.99
CA ARG A 16 -8.41 -1.12 -16.39
C ARG A 16 -9.74 -0.41 -16.70
N SER A 17 -10.51 -0.08 -15.65
CA SER A 17 -11.79 0.60 -15.73
C SER A 17 -11.64 2.08 -16.10
N ILE A 18 -12.79 2.76 -16.19
CA ILE A 18 -12.92 4.15 -16.59
C ILE A 18 -13.76 4.89 -15.54
N PRO A 19 -13.15 5.66 -14.62
CA PRO A 19 -11.71 5.88 -14.45
C PRO A 19 -11.06 4.65 -13.80
N PRO A 20 -9.76 4.43 -14.00
CA PRO A 20 -9.01 3.37 -13.35
C PRO A 20 -8.59 3.82 -11.95
N GLN A 21 -8.67 2.91 -10.98
CA GLN A 21 -8.23 3.09 -9.61
C GLN A 21 -6.97 2.26 -9.41
N CYS A 22 -6.01 2.82 -8.66
CA CYS A 22 -4.77 2.17 -8.28
C CYS A 22 -4.82 1.81 -6.80
N GLN A 23 -4.21 0.68 -6.50
CA GLN A 23 -4.23 0.03 -5.20
C GLN A 23 -2.86 -0.61 -4.96
N CYS A 24 -2.69 -1.26 -3.81
CA CYS A 24 -1.47 -2.00 -3.49
C CYS A 24 -1.78 -3.36 -2.89
N THR A 25 -0.92 -4.33 -3.19
CA THR A 25 -0.97 -5.69 -2.70
C THR A 25 0.31 -6.05 -1.96
N ASP A 26 1.10 -5.04 -1.56
CA ASP A 26 2.28 -5.19 -0.74
C ASP A 26 1.86 -5.48 0.70
N VAL A 27 2.71 -6.22 1.41
CA VAL A 27 2.44 -6.78 2.73
C VAL A 27 3.72 -6.67 3.56
N ARG A 28 3.69 -5.83 4.61
CA ARG A 28 4.86 -5.49 5.41
C ARG A 28 4.44 -5.33 6.87
N GLU A 29 5.17 -4.51 7.64
CA GLU A 29 4.77 -4.09 8.98
C GLU A 29 3.68 -3.01 8.84
N LYS A 30 3.79 -1.88 9.53
CA LYS A 30 2.76 -0.85 9.55
C LYS A 30 2.53 -0.24 8.16
N CYS A 31 1.39 0.42 8.02
CA CYS A 31 0.88 0.95 6.77
C CYS A 31 1.42 2.38 6.58
N HIS A 32 1.58 2.80 5.31
CA HIS A 32 2.22 4.06 4.98
C HIS A 32 1.29 5.25 5.06
N SER A 33 1.88 6.43 4.86
CA SER A 33 1.26 7.73 5.01
C SER A 33 0.05 7.92 4.07
N ALA A 34 0.12 7.34 2.87
CA ALA A 34 -0.93 7.42 1.86
C ALA A 34 -1.62 6.07 1.71
N CYS A 35 -1.95 5.46 2.85
CA CYS A 35 -2.70 4.23 2.96
C CYS A 35 -3.58 4.34 4.18
N LYS A 36 -4.88 4.60 3.94
CA LYS A 36 -5.86 5.04 4.92
C LYS A 36 -6.74 3.86 5.32
N SER A 37 -7.00 3.00 4.34
CA SER A 37 -7.64 1.71 4.53
C SER A 37 -6.54 0.65 4.47
N CYS A 38 -6.47 -0.17 5.52
CA CYS A 38 -5.41 -1.14 5.73
C CYS A 38 -5.96 -2.24 6.62
N LEU A 39 -5.54 -3.49 6.38
CA LEU A 39 -6.02 -4.66 7.09
C LEU A 39 -4.89 -5.67 7.22
N CYS A 40 -4.81 -6.34 8.37
CA CYS A 40 -3.75 -7.26 8.71
C CYS A 40 -4.28 -8.68 8.81
N THR A 41 -3.40 -9.65 8.59
CA THR A 41 -3.76 -11.06 8.55
C THR A 41 -3.64 -11.67 9.94
N ARG A 42 -4.41 -12.74 10.16
CA ARG A 42 -4.38 -13.55 11.37
C ARG A 42 -3.36 -14.70 11.26
N SER A 43 -2.44 -14.63 10.29
CA SER A 43 -1.36 -15.58 10.13
C SER A 43 -0.27 -15.35 11.18
N PHE A 44 0.78 -16.18 11.16
CA PHE A 44 1.96 -16.04 11.98
C PHE A 44 3.19 -16.07 11.06
N PRO A 45 3.98 -14.98 10.97
CA PRO A 45 3.81 -13.71 11.68
C PRO A 45 2.66 -12.90 11.05
N PRO A 46 1.92 -12.14 11.87
CA PRO A 46 0.85 -11.27 11.38
C PRO A 46 1.47 -10.02 10.75
N GLN A 47 1.17 -9.79 9.46
CA GLN A 47 1.62 -8.64 8.69
C GLN A 47 0.41 -7.86 8.19
N CYS A 48 0.63 -6.57 7.89
CA CYS A 48 -0.42 -5.67 7.46
C CYS A 48 -0.27 -5.34 5.97
N ARG A 49 -1.43 -5.24 5.33
CA ARG A 49 -1.63 -5.19 3.89
C ARG A 49 -2.47 -3.95 3.61
N CYS A 50 -2.07 -3.12 2.65
CA CYS A 50 -2.81 -1.93 2.30
C CYS A 50 -4.04 -2.29 1.48
N TYR A 51 -5.18 -1.67 1.82
CA TYR A 51 -6.48 -1.87 1.19
C TYR A 51 -6.96 -0.54 0.56
N ASP A 52 -6.04 0.42 0.40
CA ASP A 52 -6.36 1.79 0.04
C ASP A 52 -6.55 1.93 -1.47
N ILE A 53 -7.36 2.92 -1.86
CA ILE A 53 -7.58 3.32 -3.24
C ILE A 53 -7.09 4.76 -3.39
N THR A 54 -6.31 5.00 -4.45
CA THR A 54 -6.08 6.33 -5.02
C THR A 54 -6.21 6.19 -6.53
N ASP A 55 -6.08 7.29 -7.27
CA ASP A 55 -6.02 7.24 -8.73
C ASP A 55 -4.63 6.82 -9.21
N PHE A 56 -3.60 6.99 -8.36
CA PHE A 56 -2.19 6.87 -8.67
C PHE A 56 -1.49 5.84 -7.78
N CYS A 57 -0.22 5.58 -8.09
CA CYS A 57 0.66 4.70 -7.35
C CYS A 57 1.70 5.52 -6.58
N TYR A 58 2.24 4.89 -5.53
CA TYR A 58 3.23 5.42 -4.62
C TYR A 58 4.61 4.85 -5.03
N PRO A 59 5.73 5.51 -4.68
CA PRO A 59 7.07 5.05 -5.06
C PRO A 59 7.46 3.76 -4.34
N SER A 60 8.63 3.20 -4.70
CA SER A 60 9.11 1.95 -4.16
C SER A 60 9.39 2.04 -2.65
N CYS A 61 9.13 0.91 -1.97
CA CYS A 61 9.19 0.79 -0.52
C CYS A 61 10.32 -0.13 -0.06
N SER A 62 10.41 -0.29 1.26
CA SER A 62 11.38 -1.13 1.94
C SER A 62 12.80 -0.61 1.68
N THR A 1 22.30 14.92 2.40
CA THR A 1 21.54 14.30 3.50
C THR A 1 20.05 14.24 3.16
N LYS A 2 19.45 13.04 3.23
CA LYS A 2 18.04 12.81 2.99
C LYS A 2 17.69 11.41 3.49
N SER A 3 16.81 11.31 4.48
CA SER A 3 16.34 10.05 5.05
C SER A 3 14.91 10.24 5.54
N THR A 4 13.99 9.40 5.06
CA THR A 4 12.56 9.48 5.37
C THR A 4 11.89 8.16 4.99
N THR A 5 10.57 8.07 5.21
CA THR A 5 9.75 6.92 4.87
C THR A 5 8.32 7.41 4.57
N THR A 6 8.19 8.16 3.48
CA THR A 6 6.95 8.76 3.03
C THR A 6 5.97 7.71 2.48
N ALA A 7 4.80 8.17 2.04
CA ALA A 7 3.81 7.36 1.34
C ALA A 7 4.46 6.62 0.17
N CYS A 8 4.42 5.30 0.23
CA CYS A 8 5.06 4.41 -0.73
C CYS A 8 4.21 3.16 -0.91
N CYS A 9 4.73 2.29 -1.77
CA CYS A 9 4.22 0.96 -2.06
C CYS A 9 5.25 0.25 -2.92
N ASP A 10 5.26 -1.09 -2.93
CA ASP A 10 6.26 -1.87 -3.66
C ASP A 10 5.61 -2.48 -4.92
N PHE A 11 4.63 -3.36 -4.75
CA PHE A 11 3.83 -3.89 -5.84
C PHE A 11 2.50 -3.16 -5.84
N CYS A 12 2.24 -2.34 -6.86
CA CYS A 12 1.02 -1.55 -6.97
C CYS A 12 0.33 -1.69 -8.32
N PRO A 13 -0.35 -2.81 -8.59
CA PRO A 13 -1.13 -2.99 -9.80
C PRO A 13 -2.39 -2.13 -9.78
N CYS A 14 -2.93 -1.87 -10.98
CA CYS A 14 -4.11 -1.04 -11.18
C CYS A 14 -5.04 -1.68 -12.21
N THR A 15 -6.31 -1.31 -12.14
CA THR A 15 -7.30 -1.62 -13.15
C THR A 15 -7.17 -0.59 -14.27
N ARG A 16 -7.67 -0.93 -15.46
CA ARG A 16 -7.70 -0.04 -16.61
C ARG A 16 -9.13 0.44 -16.87
N SER A 17 -9.91 0.56 -15.79
CA SER A 17 -11.23 1.14 -15.79
C SER A 17 -11.16 2.66 -15.91
N ILE A 18 -12.32 3.30 -15.99
CA ILE A 18 -12.47 4.75 -16.09
C ILE A 18 -13.39 5.23 -14.95
N PRO A 19 -12.85 5.88 -13.91
CA PRO A 19 -11.45 6.11 -13.66
C PRO A 19 -10.76 4.80 -13.23
N PRO A 20 -9.43 4.70 -13.32
CA PRO A 20 -8.68 3.54 -12.87
C PRO A 20 -8.59 3.51 -11.35
N GLN A 21 -8.48 2.30 -10.78
CA GLN A 21 -8.31 2.07 -9.36
C GLN A 21 -7.03 1.27 -9.15
N CYS A 22 -6.09 1.86 -8.40
CA CYS A 22 -4.80 1.26 -8.06
C CYS A 22 -4.82 0.86 -6.60
N GLN A 23 -4.20 -0.29 -6.32
CA GLN A 23 -4.10 -0.90 -5.01
C GLN A 23 -2.74 -1.59 -4.84
N CYS A 24 -2.38 -1.85 -3.58
CA CYS A 24 -1.11 -2.44 -3.19
C CYS A 24 -1.32 -3.90 -2.83
N THR A 25 -0.47 -4.77 -3.39
CA THR A 25 -0.52 -6.21 -3.19
C THR A 25 0.62 -6.70 -2.31
N ASP A 26 1.75 -5.96 -2.27
CA ASP A 26 2.84 -6.30 -1.38
C ASP A 26 2.39 -6.22 0.06
N VAL A 27 2.93 -7.15 0.85
CA VAL A 27 2.63 -7.33 2.26
C VAL A 27 3.94 -7.11 3.02
N ARG A 28 3.87 -6.48 4.20
CA ARG A 28 5.05 -6.02 4.93
C ARG A 28 4.63 -5.87 6.39
N GLU A 29 5.27 -4.95 7.13
CA GLU A 29 4.75 -4.43 8.38
C GLU A 29 3.61 -3.46 8.06
N LYS A 30 3.40 -2.43 8.90
CA LYS A 30 2.23 -1.57 8.79
C LYS A 30 2.20 -0.79 7.48
N CYS A 31 1.00 -0.33 7.15
CA CYS A 31 0.69 0.51 6.01
C CYS A 31 1.30 1.90 6.15
N HIS A 32 1.39 2.60 5.01
CA HIS A 32 2.08 3.88 4.89
C HIS A 32 1.23 5.06 5.36
N SER A 33 1.88 6.23 5.40
CA SER A 33 1.36 7.47 5.92
C SER A 33 0.07 7.92 5.23
N ALA A 34 -0.05 7.62 3.93
CA ALA A 34 -1.20 8.02 3.12
C ALA A 34 -2.07 6.81 2.80
N CYS A 35 -2.31 5.97 3.81
CA CYS A 35 -3.23 4.84 3.74
C CYS A 35 -4.35 5.05 4.76
N LYS A 36 -5.62 4.94 4.32
CA LYS A 36 -6.78 5.28 5.11
C LYS A 36 -7.47 4.02 5.60
N SER A 37 -7.68 3.07 4.68
CA SER A 37 -8.18 1.74 4.94
C SER A 37 -6.98 0.80 4.88
N CYS A 38 -6.78 0.01 5.94
CA CYS A 38 -5.56 -0.73 6.20
C CYS A 38 -5.94 -2.00 6.95
N LEU A 39 -5.28 -3.12 6.61
CA LEU A 39 -5.67 -4.46 7.03
C LEU A 39 -4.44 -5.28 7.35
N CYS A 40 -4.60 -6.32 8.17
CA CYS A 40 -3.56 -7.28 8.50
C CYS A 40 -4.14 -8.69 8.52
N THR A 41 -3.27 -9.69 8.42
CA THR A 41 -3.63 -11.09 8.39
C THR A 41 -3.72 -11.63 9.82
N ARG A 42 -4.59 -12.64 9.99
CA ARG A 42 -4.78 -13.33 11.27
C ARG A 42 -3.77 -14.46 11.48
N SER A 43 -2.74 -14.55 10.62
CA SER A 43 -1.67 -15.52 10.70
C SER A 43 -0.75 -15.23 11.88
N PHE A 44 0.22 -16.12 12.08
CA PHE A 44 1.32 -15.93 13.01
C PHE A 44 2.64 -16.22 12.29
N PRO A 45 3.52 -15.22 12.11
CA PRO A 45 3.37 -13.83 12.54
C PRO A 45 2.32 -13.11 11.68
N PRO A 46 1.54 -12.18 12.25
CA PRO A 46 0.55 -11.39 11.52
C PRO A 46 1.28 -10.32 10.69
N GLN A 47 1.01 -10.30 9.39
CA GLN A 47 1.62 -9.38 8.44
C GLN A 47 0.57 -8.38 7.97
N CYS A 48 0.98 -7.11 7.78
CA CYS A 48 0.09 -5.99 7.54
C CYS A 48 0.24 -5.43 6.12
N ARG A 49 -0.78 -4.68 5.69
CA ARG A 49 -0.94 -4.22 4.31
C ARG A 49 -1.89 -3.02 4.27
N CYS A 50 -1.86 -2.30 3.14
CA CYS A 50 -2.74 -1.17 2.85
C CYS A 50 -3.89 -1.64 1.95
N TYR A 51 -5.10 -1.12 2.16
CA TYR A 51 -6.29 -1.43 1.36
C TYR A 51 -6.74 -0.21 0.54
N ASP A 52 -6.21 0.99 0.84
CA ASP A 52 -6.62 2.25 0.23
C ASP A 52 -6.44 2.26 -1.28
N ILE A 53 -7.41 2.91 -1.96
CA ILE A 53 -7.56 2.95 -3.40
C ILE A 53 -7.14 4.33 -3.87
N THR A 54 -6.31 4.39 -4.92
CA THR A 54 -5.87 5.66 -5.50
C THR A 54 -6.03 5.65 -7.03
N ASP A 55 -6.09 6.84 -7.61
CA ASP A 55 -6.08 7.06 -9.05
C ASP A 55 -4.68 6.86 -9.61
N PHE A 56 -3.67 7.42 -8.91
CA PHE A 56 -2.26 7.18 -9.15
C PHE A 56 -1.80 6.03 -8.26
N CYS A 57 -0.48 5.83 -8.16
CA CYS A 57 0.11 5.13 -7.03
C CYS A 57 1.49 5.71 -6.74
N TYR A 58 1.93 5.55 -5.48
CA TYR A 58 3.22 6.02 -4.99
C TYR A 58 4.33 5.13 -5.56
N PRO A 59 5.56 5.64 -5.70
CA PRO A 59 6.67 4.91 -6.29
C PRO A 59 7.19 3.82 -5.34
N SER A 60 8.15 3.02 -5.83
CA SER A 60 8.72 1.89 -5.13
C SER A 60 9.26 2.29 -3.75
N CYS A 61 8.88 1.49 -2.75
CA CYS A 61 9.35 1.67 -1.37
C CYS A 61 10.67 0.96 -1.14
N SER A 62 11.28 1.25 0.00
CA SER A 62 12.42 0.51 0.55
C SER A 62 11.89 -0.53 1.54
N THR A 1 22.84 5.36 8.13
CA THR A 1 21.98 4.87 7.02
C THR A 1 20.77 4.12 7.56
N LYS A 2 19.61 4.26 6.88
CA LYS A 2 18.36 3.59 7.23
C LYS A 2 17.42 3.67 6.04
N SER A 3 16.89 2.52 5.59
CA SER A 3 16.02 2.43 4.43
C SER A 3 14.58 2.77 4.79
N THR A 4 14.33 4.04 5.09
CA THR A 4 13.04 4.61 5.42
C THR A 4 12.89 5.94 4.68
N THR A 5 11.67 6.28 4.29
CA THR A 5 11.35 7.48 3.53
C THR A 5 9.89 7.84 3.78
N THR A 6 9.27 8.54 2.84
CA THR A 6 7.90 9.00 2.85
C THR A 6 6.94 7.83 2.58
N ALA A 7 5.64 8.15 2.49
CA ALA A 7 4.59 7.27 1.99
C ALA A 7 5.06 6.58 0.71
N CYS A 8 5.07 5.25 0.73
CA CYS A 8 5.57 4.42 -0.35
C CYS A 8 4.69 3.19 -0.53
N CYS A 9 5.07 2.37 -1.50
CA CYS A 9 4.42 1.13 -1.88
C CYS A 9 5.32 0.48 -2.93
N ASP A 10 5.31 -0.86 -3.03
CA ASP A 10 6.21 -1.59 -3.89
C ASP A 10 5.41 -2.11 -5.09
N PHE A 11 4.54 -3.10 -4.86
CA PHE A 11 3.63 -3.59 -5.88
C PHE A 11 2.40 -2.70 -5.87
N CYS A 12 2.22 -1.88 -6.91
CA CYS A 12 1.02 -1.06 -7.07
C CYS A 12 0.37 -1.29 -8.44
N PRO A 13 -0.28 -2.44 -8.65
CA PRO A 13 -1.05 -2.69 -9.86
C PRO A 13 -2.31 -1.81 -9.88
N CYS A 14 -2.89 -1.67 -11.07
CA CYS A 14 -4.08 -0.88 -11.29
C CYS A 14 -5.05 -1.63 -12.19
N THR A 15 -6.33 -1.25 -12.14
CA THR A 15 -7.36 -1.76 -13.02
C THR A 15 -7.29 -1.01 -14.36
N ARG A 16 -7.93 -1.57 -15.39
CA ARG A 16 -8.05 -0.97 -16.71
C ARG A 16 -9.48 -0.50 -16.96
N SER A 17 -10.19 -0.08 -15.90
CA SER A 17 -11.55 0.40 -15.96
C SER A 17 -11.58 1.91 -16.23
N ILE A 18 -12.80 2.47 -16.26
CA ILE A 18 -13.08 3.86 -16.53
C ILE A 18 -13.95 4.45 -15.40
N PRO A 19 -13.37 5.19 -14.43
CA PRO A 19 -11.95 5.49 -14.26
C PRO A 19 -11.21 4.25 -13.75
N PRO A 20 -9.88 4.18 -13.93
CA PRO A 20 -9.05 3.16 -13.34
C PRO A 20 -8.76 3.51 -11.88
N GLN A 21 -8.62 2.48 -11.03
CA GLN A 21 -8.19 2.58 -9.65
C GLN A 21 -6.88 1.81 -9.50
N CYS A 22 -5.93 2.39 -8.76
CA CYS A 22 -4.67 1.77 -8.39
C CYS A 22 -4.71 1.44 -6.90
N GLN A 23 -4.08 0.31 -6.56
CA GLN A 23 -4.12 -0.30 -5.25
C GLN A 23 -2.82 -1.05 -5.02
N CYS A 24 -2.44 -1.26 -3.76
CA CYS A 24 -1.17 -1.84 -3.39
C CYS A 24 -1.38 -3.29 -2.94
N THR A 25 -0.61 -4.21 -3.53
CA THR A 25 -0.70 -5.65 -3.26
C THR A 25 0.51 -6.15 -2.46
N ASP A 26 1.44 -5.26 -2.08
CA ASP A 26 2.51 -5.61 -1.17
C ASP A 26 1.96 -5.79 0.24
N VAL A 27 2.67 -6.59 1.02
CA VAL A 27 2.30 -7.00 2.37
C VAL A 27 3.58 -7.05 3.20
N ARG A 28 3.56 -6.45 4.39
CA ARG A 28 4.76 -6.31 5.21
C ARG A 28 4.39 -6.14 6.68
N GLU A 29 5.19 -5.35 7.41
CA GLU A 29 5.05 -5.11 8.84
C GLU A 29 3.80 -4.28 9.13
N LYS A 30 3.92 -2.95 9.15
CA LYS A 30 2.82 -2.01 9.16
C LYS A 30 2.70 -1.36 7.78
N CYS A 31 1.60 -0.65 7.57
CA CYS A 31 1.34 0.21 6.43
C CYS A 31 1.98 1.58 6.63
N HIS A 32 2.00 2.38 5.55
CA HIS A 32 2.57 3.72 5.55
C HIS A 32 1.56 4.76 6.04
N SER A 33 2.05 5.99 6.15
CA SER A 33 1.30 7.13 6.69
C SER A 33 0.05 7.46 5.86
N ALA A 34 0.10 7.21 4.55
CA ALA A 34 -0.95 7.57 3.61
C ALA A 34 -1.73 6.33 3.17
N CYS A 35 -2.08 5.50 4.15
CA CYS A 35 -2.99 4.36 4.01
C CYS A 35 -4.04 4.43 5.11
N LYS A 36 -5.32 4.44 4.71
CA LYS A 36 -6.48 4.52 5.58
C LYS A 36 -7.17 3.16 5.65
N SER A 37 -7.11 2.41 4.55
CA SER A 37 -7.78 1.14 4.37
C SER A 37 -6.75 0.04 4.62
N CYS A 38 -6.21 0.11 5.83
CA CYS A 38 -5.10 -0.70 6.30
C CYS A 38 -5.63 -1.72 7.30
N LEU A 39 -5.24 -2.99 7.11
CA LEU A 39 -5.77 -4.12 7.86
C LEU A 39 -4.74 -5.23 7.85
N CYS A 40 -4.61 -5.93 8.98
CA CYS A 40 -3.59 -6.95 9.21
C CYS A 40 -4.25 -8.29 9.50
N THR A 41 -3.54 -9.38 9.16
CA THR A 41 -4.07 -10.73 9.33
C THR A 41 -3.81 -11.22 10.75
N ARG A 42 -4.66 -12.14 11.22
CA ARG A 42 -4.54 -12.78 12.52
C ARG A 42 -3.73 -14.08 12.44
N SER A 43 -3.05 -14.32 11.30
CA SER A 43 -2.16 -15.43 11.09
C SER A 43 -0.87 -15.22 11.89
N PHE A 44 0.05 -16.19 11.81
CA PHE A 44 1.39 -16.07 12.36
C PHE A 44 2.40 -16.34 11.23
N PRO A 45 3.26 -15.37 10.87
CA PRO A 45 3.39 -14.05 11.47
C PRO A 45 2.23 -13.12 11.05
N PRO A 46 1.75 -12.25 11.94
CA PRO A 46 0.69 -11.30 11.65
C PRO A 46 1.28 -10.14 10.85
N GLN A 47 0.98 -10.08 9.54
CA GLN A 47 1.48 -9.09 8.60
C GLN A 47 0.34 -8.18 8.17
N CYS A 48 0.67 -6.92 7.84
CA CYS A 48 -0.30 -5.92 7.46
C CYS A 48 -0.24 -5.57 5.98
N ARG A 49 -1.42 -5.24 5.46
CA ARG A 49 -1.68 -4.88 4.07
C ARG A 49 -2.45 -3.57 4.02
N CYS A 50 -2.53 -2.96 2.82
CA CYS A 50 -3.31 -1.77 2.54
C CYS A 50 -4.09 -1.93 1.23
N TYR A 51 -5.37 -1.54 1.25
CA TYR A 51 -6.33 -1.72 0.16
C TYR A 51 -6.73 -0.37 -0.44
N ASP A 52 -5.76 0.53 -0.63
CA ASP A 52 -6.02 1.89 -1.11
C ASP A 52 -6.65 1.91 -2.50
N ILE A 53 -7.33 3.02 -2.81
CA ILE A 53 -7.94 3.29 -4.10
C ILE A 53 -7.55 4.73 -4.47
N THR A 54 -6.60 4.87 -5.40
CA THR A 54 -6.20 6.18 -5.93
C THR A 54 -6.01 6.09 -7.44
N ASP A 55 -6.21 7.20 -8.14
CA ASP A 55 -5.90 7.32 -9.56
C ASP A 55 -4.39 7.23 -9.78
N PHE A 56 -3.63 7.88 -8.90
CA PHE A 56 -2.18 7.80 -8.84
C PHE A 56 -1.77 6.64 -7.93
N CYS A 57 -0.46 6.54 -7.68
CA CYS A 57 0.08 5.71 -6.62
C CYS A 57 1.47 6.23 -6.24
N TYR A 58 1.93 5.88 -5.03
CA TYR A 58 3.24 6.26 -4.52
C TYR A 58 4.31 5.41 -5.22
N PRO A 59 5.53 5.96 -5.43
CA PRO A 59 6.60 5.27 -6.14
C PRO A 59 7.16 4.12 -5.31
N SER A 60 8.02 3.31 -5.95
CA SER A 60 8.62 2.13 -5.36
C SER A 60 9.34 2.45 -4.06
N CYS A 61 9.06 1.63 -3.03
CA CYS A 61 9.76 1.72 -1.75
C CYS A 61 11.10 1.00 -1.83
N SER A 62 11.85 1.05 -0.73
CA SER A 62 13.03 0.23 -0.50
C SER A 62 12.60 -1.13 0.03
N THR A 1 15.59 13.74 14.65
CA THR A 1 14.55 13.83 15.69
C THR A 1 13.51 12.72 15.52
N LYS A 2 12.62 12.52 16.50
CA LYS A 2 11.52 11.57 16.41
C LYS A 2 10.46 12.12 15.45
N SER A 3 10.51 11.70 14.18
CA SER A 3 9.59 12.14 13.14
C SER A 3 9.56 11.09 12.02
N THR A 4 8.39 10.90 11.41
CA THR A 4 8.18 9.95 10.31
C THR A 4 6.84 10.25 9.65
N THR A 5 6.78 10.10 8.32
CA THR A 5 5.57 10.27 7.51
C THR A 5 5.82 9.68 6.11
N THR A 6 6.44 8.50 6.05
CA THR A 6 6.85 7.86 4.81
C THR A 6 5.64 7.37 4.02
N ALA A 7 5.74 7.37 2.68
CA ALA A 7 4.69 6.90 1.78
C ALA A 7 5.32 6.19 0.58
N CYS A 8 5.36 4.86 0.64
CA CYS A 8 5.86 4.01 -0.42
C CYS A 8 4.93 2.83 -0.66
N CYS A 9 5.37 1.95 -1.56
CA CYS A 9 4.73 0.70 -1.93
C CYS A 9 5.76 -0.11 -2.73
N ASP A 10 5.51 -1.40 -2.97
CA ASP A 10 6.26 -2.20 -3.92
C ASP A 10 5.33 -2.61 -5.06
N PHE A 11 4.32 -3.44 -4.77
CA PHE A 11 3.32 -3.90 -5.73
C PHE A 11 2.26 -2.82 -5.93
N CYS A 12 2.25 -2.20 -7.12
CA CYS A 12 1.29 -1.17 -7.52
C CYS A 12 0.45 -1.64 -8.71
N PRO A 13 -0.45 -2.61 -8.53
CA PRO A 13 -1.39 -2.98 -9.58
C PRO A 13 -2.54 -1.96 -9.66
N CYS A 14 -3.25 -1.98 -10.79
CA CYS A 14 -4.37 -1.09 -11.05
C CYS A 14 -5.32 -1.74 -12.05
N THR A 15 -6.57 -1.28 -12.04
CA THR A 15 -7.62 -1.75 -12.91
C THR A 15 -7.64 -0.88 -14.17
N ARG A 16 -8.19 -1.43 -15.27
CA ARG A 16 -8.19 -0.78 -16.57
C ARG A 16 -9.59 -0.28 -16.90
N SER A 17 -10.24 0.33 -15.90
CA SER A 17 -11.55 0.92 -15.97
C SER A 17 -11.43 2.43 -16.21
N ILE A 18 -12.59 3.09 -16.30
CA ILE A 18 -12.72 4.52 -16.56
C ILE A 18 -13.70 5.10 -15.53
N PRO A 19 -13.22 5.77 -14.46
CA PRO A 19 -11.82 6.01 -14.12
C PRO A 19 -11.15 4.70 -13.64
N PRO A 20 -9.82 4.59 -13.73
CA PRO A 20 -9.07 3.46 -13.18
C PRO A 20 -8.99 3.55 -11.66
N GLN A 21 -9.09 2.40 -10.98
CA GLN A 21 -8.85 2.25 -9.55
C GLN A 21 -7.49 1.58 -9.39
N CYS A 22 -6.52 2.36 -8.89
CA CYS A 22 -5.15 1.92 -8.65
C CYS A 22 -4.92 1.79 -7.15
N GLN A 23 -4.07 0.84 -6.75
CA GLN A 23 -3.96 0.44 -5.37
C GLN A 23 -2.57 -0.12 -5.05
N CYS A 24 -2.24 -0.20 -3.76
CA CYS A 24 -1.02 -0.78 -3.25
C CYS A 24 -1.38 -2.11 -2.57
N THR A 25 -0.67 -3.18 -2.95
CA THR A 25 -0.98 -4.53 -2.52
C THR A 25 0.20 -5.21 -1.82
N ASP A 26 1.29 -4.48 -1.54
CA ASP A 26 2.42 -5.08 -0.85
C ASP A 26 2.07 -5.45 0.58
N VAL A 27 2.64 -6.59 1.00
CA VAL A 27 2.46 -7.20 2.31
C VAL A 27 3.77 -7.00 3.08
N ARG A 28 3.69 -6.43 4.28
CA ARG A 28 4.84 -5.93 5.00
C ARG A 28 4.44 -5.67 6.46
N GLU A 29 5.22 -4.85 7.18
CA GLU A 29 4.84 -4.31 8.47
C GLU A 29 3.75 -3.25 8.27
N LYS A 30 3.65 -2.27 9.19
CA LYS A 30 2.54 -1.34 9.23
C LYS A 30 2.41 -0.54 7.92
N CYS A 31 1.16 -0.16 7.64
CA CYS A 31 0.78 0.59 6.45
C CYS A 31 1.27 2.03 6.53
N HIS A 32 1.55 2.60 5.35
CA HIS A 32 2.24 3.87 5.24
C HIS A 32 1.34 5.07 5.56
N SER A 33 1.98 6.23 5.65
CA SER A 33 1.37 7.49 6.07
C SER A 33 0.23 7.91 5.13
N ALA A 34 0.36 7.56 3.84
CA ALA A 34 -0.60 7.93 2.80
C ALA A 34 -1.45 6.73 2.37
N CYS A 35 -1.79 5.88 3.35
CA CYS A 35 -2.68 4.73 3.18
C CYS A 35 -3.93 4.99 4.03
N LYS A 36 -5.10 4.70 3.46
CA LYS A 36 -6.40 5.11 4.02
C LYS A 36 -7.09 3.92 4.63
N SER A 37 -7.25 2.87 3.82
CA SER A 37 -7.81 1.59 4.23
C SER A 37 -6.65 0.60 4.35
N CYS A 38 -6.66 -0.21 5.41
CA CYS A 38 -5.55 -1.04 5.81
C CYS A 38 -6.07 -2.24 6.61
N LEU A 39 -5.44 -3.41 6.43
CA LEU A 39 -5.86 -4.68 7.02
C LEU A 39 -4.63 -5.56 7.20
N CYS A 40 -4.67 -6.46 8.19
CA CYS A 40 -3.59 -7.39 8.50
C CYS A 40 -4.11 -8.81 8.63
N THR A 41 -3.19 -9.78 8.59
CA THR A 41 -3.51 -11.19 8.66
C THR A 41 -3.63 -11.63 10.13
N ARG A 42 -4.36 -12.73 10.34
CA ARG A 42 -4.51 -13.37 11.64
C ARG A 42 -3.47 -14.48 11.85
N SER A 43 -2.44 -14.55 10.99
CA SER A 43 -1.42 -15.56 11.03
C SER A 43 -0.41 -15.30 12.14
N PHE A 44 0.58 -16.20 12.23
CA PHE A 44 1.72 -16.10 13.12
C PHE A 44 3.00 -16.34 12.31
N PRO A 45 3.80 -15.31 12.01
CA PRO A 45 3.63 -13.92 12.42
C PRO A 45 2.46 -13.27 11.65
N PRO A 46 1.81 -12.26 12.24
CA PRO A 46 0.84 -11.43 11.54
C PRO A 46 1.58 -10.49 10.59
N GLN A 47 0.91 -10.06 9.52
CA GLN A 47 1.52 -9.26 8.47
C GLN A 47 0.47 -8.33 7.89
N CYS A 48 0.82 -7.06 7.67
CA CYS A 48 -0.12 -5.99 7.35
C CYS A 48 0.01 -5.57 5.89
N ARG A 49 -1.06 -4.97 5.36
CA ARG A 49 -1.24 -4.65 3.96
C ARG A 49 -2.20 -3.47 3.83
N CYS A 50 -2.04 -2.71 2.75
CA CYS A 50 -2.92 -1.62 2.38
C CYS A 50 -4.07 -2.13 1.49
N TYR A 51 -5.19 -1.42 1.57
CA TYR A 51 -6.35 -1.56 0.71
C TYR A 51 -6.77 -0.18 0.17
N ASP A 52 -5.83 0.78 0.16
CA ASP A 52 -6.04 2.15 -0.27
C ASP A 52 -6.32 2.19 -1.77
N ILE A 53 -7.46 2.79 -2.16
CA ILE A 53 -7.85 2.95 -3.55
C ILE A 53 -7.69 4.43 -3.92
N THR A 54 -6.88 4.70 -4.94
CA THR A 54 -6.61 6.03 -5.47
C THR A 54 -6.56 5.95 -7.00
N ASP A 55 -6.34 7.08 -7.67
CA ASP A 55 -6.10 7.11 -9.11
C ASP A 55 -4.66 6.70 -9.45
N PHE A 56 -3.80 6.58 -8.44
CA PHE A 56 -2.35 6.40 -8.55
C PHE A 56 -1.87 5.35 -7.54
N CYS A 57 -0.54 5.25 -7.41
CA CYS A 57 0.14 4.45 -6.40
C CYS A 57 1.53 5.05 -6.17
N TYR A 58 2.08 4.86 -4.96
CA TYR A 58 3.35 5.43 -4.55
C TYR A 58 4.51 4.62 -5.13
N PRO A 59 5.68 5.24 -5.38
CA PRO A 59 6.80 4.59 -6.06
C PRO A 59 7.45 3.52 -5.19
N SER A 60 8.40 2.79 -5.79
CA SER A 60 9.04 1.64 -5.18
C SER A 60 9.76 2.01 -3.88
N CYS A 61 9.54 1.17 -2.87
CA CYS A 61 10.13 1.28 -1.55
C CYS A 61 11.50 0.60 -1.51
N SER A 62 12.17 0.71 -0.36
CA SER A 62 13.35 -0.05 -0.02
C SER A 62 12.94 -1.46 0.42
N THR A 1 20.10 8.71 -1.32
CA THR A 1 19.13 7.76 -0.74
C THR A 1 17.70 8.25 -0.98
N LYS A 2 16.70 7.36 -0.78
CA LYS A 2 15.30 7.73 -0.80
C LYS A 2 14.99 8.65 0.40
N SER A 3 13.79 9.25 0.41
CA SER A 3 13.18 9.86 1.58
C SER A 3 13.00 8.85 2.71
N THR A 4 12.36 9.28 3.81
CA THR A 4 12.05 8.44 4.96
C THR A 4 10.85 7.54 4.64
N THR A 5 10.04 7.19 5.66
CA THR A 5 8.86 6.34 5.52
C THR A 5 7.66 7.15 4.98
N THR A 6 7.85 7.79 3.83
CA THR A 6 6.82 8.50 3.09
C THR A 6 5.84 7.52 2.46
N ALA A 7 4.79 8.06 1.83
CA ALA A 7 3.80 7.28 1.08
C ALA A 7 4.51 6.46 0.00
N CYS A 8 4.44 5.13 0.14
CA CYS A 8 5.19 4.20 -0.68
C CYS A 8 4.42 2.90 -0.85
N CYS A 9 5.10 1.91 -1.42
CA CYS A 9 4.58 0.60 -1.77
C CYS A 9 5.78 -0.27 -2.17
N ASP A 10 5.57 -1.51 -2.59
CA ASP A 10 6.60 -2.39 -3.16
C ASP A 10 6.30 -2.51 -4.65
N PHE A 11 5.06 -2.88 -4.98
CA PHE A 11 4.47 -2.73 -6.29
C PHE A 11 2.97 -2.49 -6.13
N CYS A 12 2.41 -1.67 -7.05
CA CYS A 12 1.03 -1.24 -7.04
C CYS A 12 0.41 -1.31 -8.43
N PRO A 13 -0.30 -2.41 -8.77
CA PRO A 13 -1.02 -2.52 -10.03
C PRO A 13 -2.30 -1.66 -10.01
N CYS A 14 -2.87 -1.47 -11.21
CA CYS A 14 -4.10 -0.73 -11.41
C CYS A 14 -5.08 -1.56 -12.23
N THR A 15 -6.37 -1.28 -12.02
CA THR A 15 -7.50 -1.93 -12.65
C THR A 15 -7.75 -1.28 -14.02
N ARG A 16 -8.43 -2.01 -14.91
CA ARG A 16 -8.72 -1.56 -16.27
C ARG A 16 -10.20 -1.17 -16.39
N SER A 17 -10.74 -0.57 -15.32
CA SER A 17 -12.08 -0.04 -15.23
C SER A 17 -12.09 1.43 -15.66
N ILE A 18 -13.29 2.01 -15.67
CA ILE A 18 -13.58 3.36 -16.11
C ILE A 18 -14.41 4.08 -15.05
N PRO A 19 -13.82 4.91 -14.18
CA PRO A 19 -12.40 5.25 -14.10
C PRO A 19 -11.57 4.10 -13.52
N PRO A 20 -10.27 4.01 -13.83
CA PRO A 20 -9.37 3.00 -13.28
C PRO A 20 -8.96 3.39 -11.86
N GLN A 21 -8.88 2.40 -10.97
CA GLN A 21 -8.38 2.55 -9.62
C GLN A 21 -7.01 1.87 -9.53
N CYS A 22 -6.22 2.25 -8.52
CA CYS A 22 -4.89 1.72 -8.27
C CYS A 22 -4.77 1.37 -6.79
N GLN A 23 -4.07 0.26 -6.54
CA GLN A 23 -3.93 -0.33 -5.20
C GLN A 23 -2.52 -0.90 -5.06
N CYS A 24 -2.17 -1.38 -3.87
CA CYS A 24 -0.91 -2.07 -3.61
C CYS A 24 -1.15 -3.56 -3.55
N THR A 25 -0.13 -4.33 -3.92
CA THR A 25 -0.04 -5.75 -3.61
C THR A 25 0.97 -5.98 -2.48
N ASP A 26 1.72 -4.91 -2.11
CA ASP A 26 2.63 -4.89 -0.99
C ASP A 26 1.93 -5.24 0.32
N VAL A 27 2.74 -5.84 1.20
CA VAL A 27 2.45 -6.21 2.56
C VAL A 27 3.74 -5.99 3.34
N ARG A 28 3.63 -5.60 4.62
CA ARG A 28 4.76 -5.22 5.44
C ARG A 28 4.38 -5.44 6.91
N GLU A 29 4.99 -4.68 7.82
CA GLU A 29 4.40 -4.41 9.11
C GLU A 29 3.34 -3.33 8.88
N LYS A 30 3.48 -2.13 9.45
CA LYS A 30 2.48 -1.09 9.29
C LYS A 30 2.45 -0.56 7.85
N CYS A 31 1.30 0.03 7.50
CA CYS A 31 0.99 0.63 6.21
C CYS A 31 1.55 2.05 6.13
N HIS A 32 1.64 2.57 4.90
CA HIS A 32 2.38 3.79 4.62
C HIS A 32 1.71 5.06 5.16
N SER A 33 2.49 6.14 5.13
CA SER A 33 2.17 7.45 5.70
C SER A 33 0.81 7.96 5.22
N ALA A 34 0.49 7.72 3.96
CA ALA A 34 -0.70 8.21 3.29
C ALA A 34 -1.74 7.12 3.06
N CYS A 35 -1.71 6.05 3.86
CA CYS A 35 -2.68 4.98 3.80
C CYS A 35 -3.83 5.31 4.76
N LYS A 36 -5.08 5.28 4.27
CA LYS A 36 -6.25 5.72 5.02
C LYS A 36 -7.05 4.51 5.51
N SER A 37 -7.27 3.55 4.60
CA SER A 37 -7.87 2.26 4.91
C SER A 37 -6.76 1.22 4.92
N CYS A 38 -6.68 0.42 5.99
CA CYS A 38 -5.55 -0.44 6.28
C CYS A 38 -6.05 -1.66 7.04
N LEU A 39 -5.50 -2.85 6.74
CA LEU A 39 -6.03 -4.13 7.20
C LEU A 39 -4.88 -5.16 7.25
N CYS A 40 -5.04 -6.23 8.04
CA CYS A 40 -3.99 -7.22 8.25
C CYS A 40 -4.47 -8.62 7.88
N THR A 41 -3.54 -9.58 7.75
CA THR A 41 -3.86 -10.99 7.63
C THR A 41 -3.85 -11.64 9.01
N ARG A 42 -4.67 -12.69 9.17
CA ARG A 42 -4.79 -13.45 10.40
C ARG A 42 -3.84 -14.65 10.42
N SER A 43 -2.84 -14.68 9.52
CA SER A 43 -1.83 -15.72 9.47
C SER A 43 -0.94 -15.67 10.71
N PHE A 44 -0.07 -16.67 10.85
CA PHE A 44 0.98 -16.72 11.86
C PHE A 44 2.32 -16.85 11.14
N PRO A 45 3.18 -15.80 11.16
CA PRO A 45 2.98 -14.52 11.81
C PRO A 45 1.97 -13.66 11.02
N PRO A 46 1.24 -12.74 11.67
CA PRO A 46 0.35 -11.78 11.02
C PRO A 46 1.17 -10.58 10.50
N GLN A 47 0.93 -10.20 9.24
CA GLN A 47 1.51 -9.03 8.59
C GLN A 47 0.37 -8.05 8.31
N CYS A 48 0.68 -6.74 8.26
CA CYS A 48 -0.29 -5.69 8.02
C CYS A 48 -0.02 -5.00 6.68
N ARG A 49 -1.09 -4.43 6.12
CA ARG A 49 -1.23 -4.18 4.69
C ARG A 49 -2.05 -2.91 4.46
N CYS A 50 -1.76 -2.15 3.40
CA CYS A 50 -2.60 -1.02 3.00
C CYS A 50 -3.77 -1.50 2.14
N TYR A 51 -4.97 -0.98 2.39
CA TYR A 51 -6.19 -1.29 1.65
C TYR A 51 -6.59 -0.10 0.76
N ASP A 52 -6.14 1.12 1.12
CA ASP A 52 -6.52 2.38 0.51
C ASP A 52 -6.46 2.36 -1.02
N ILE A 53 -7.42 3.07 -1.63
CA ILE A 53 -7.61 3.14 -3.07
C ILE A 53 -7.13 4.52 -3.51
N THR A 54 -6.25 4.57 -4.52
CA THR A 54 -5.80 5.81 -5.14
C THR A 54 -5.99 5.72 -6.65
N ASP A 55 -5.76 6.83 -7.37
CA ASP A 55 -5.79 6.87 -8.82
C ASP A 55 -4.42 6.54 -9.43
N PHE A 56 -3.38 6.47 -8.58
CA PHE A 56 -1.99 6.30 -8.97
C PHE A 56 -1.32 5.22 -8.11
N CYS A 57 -0.07 4.90 -8.49
CA CYS A 57 0.82 4.00 -7.78
C CYS A 57 1.96 4.81 -7.18
N TYR A 58 2.30 4.47 -5.94
CA TYR A 58 3.32 5.10 -5.12
C TYR A 58 4.71 4.68 -5.59
N PRO A 59 5.77 5.45 -5.29
CA PRO A 59 7.13 5.02 -5.52
C PRO A 59 7.47 3.86 -4.58
N SER A 60 8.48 3.06 -4.94
CA SER A 60 8.90 1.92 -4.16
C SER A 60 9.50 2.36 -2.83
N CYS A 61 9.34 1.51 -1.81
CA CYS A 61 9.80 1.75 -0.45
C CYS A 61 11.15 1.08 -0.21
N SER A 62 11.59 1.04 1.05
CA SER A 62 12.69 0.19 1.51
C SER A 62 12.16 -1.20 1.88
N THR A 1 21.77 17.07 4.39
CA THR A 1 20.99 17.13 5.64
C THR A 1 19.49 17.13 5.38
N LYS A 2 18.93 15.93 5.16
CA LYS A 2 17.51 15.70 5.00
C LYS A 2 17.21 14.21 5.21
N SER A 3 15.94 13.88 5.49
CA SER A 3 15.46 12.53 5.72
C SER A 3 14.34 12.20 4.74
N THR A 4 13.91 10.93 4.72
CA THR A 4 12.77 10.48 3.93
C THR A 4 12.10 9.30 4.64
N THR A 5 10.77 9.31 4.65
CA THR A 5 9.92 8.27 5.22
C THR A 5 8.50 8.46 4.68
N THR A 6 8.40 8.67 3.35
CA THR A 6 7.20 9.11 2.69
C THR A 6 6.23 7.95 2.41
N ALA A 7 5.05 8.29 1.91
CA ALA A 7 4.10 7.34 1.36
C ALA A 7 4.79 6.49 0.29
N CYS A 8 4.84 5.18 0.50
CA CYS A 8 5.52 4.26 -0.41
C CYS A 8 4.80 2.93 -0.54
N CYS A 9 5.18 2.19 -1.57
CA CYS A 9 4.46 1.02 -2.06
C CYS A 9 5.29 0.36 -3.16
N ASP A 10 5.27 -0.98 -3.22
CA ASP A 10 6.09 -1.76 -4.14
C ASP A 10 5.21 -2.28 -5.28
N PHE A 11 4.26 -3.16 -4.96
CA PHE A 11 3.26 -3.62 -5.91
C PHE A 11 2.10 -2.63 -5.89
N CYS A 12 1.98 -1.83 -6.96
CA CYS A 12 0.96 -0.81 -7.12
C CYS A 12 0.15 -1.03 -8.40
N PRO A 13 -0.56 -2.16 -8.56
CA PRO A 13 -1.36 -2.43 -9.73
C PRO A 13 -2.61 -1.55 -9.76
N CYS A 14 -3.19 -1.40 -10.95
CA CYS A 14 -4.41 -0.63 -11.17
C CYS A 14 -5.42 -1.46 -11.95
N THR A 15 -6.71 -1.10 -11.82
CA THR A 15 -7.80 -1.73 -12.53
C THR A 15 -7.78 -1.32 -14.00
N ARG A 16 -8.65 -1.95 -14.79
CA ARG A 16 -8.86 -1.65 -16.21
C ARG A 16 -10.17 -0.91 -16.44
N SER A 17 -10.82 -0.45 -15.37
CA SER A 17 -12.06 0.29 -15.42
C SER A 17 -11.84 1.72 -15.93
N ILE A 18 -12.97 2.40 -16.14
CA ILE A 18 -13.06 3.75 -16.66
C ILE A 18 -13.95 4.58 -15.73
N PRO A 19 -13.38 5.41 -14.83
CA PRO A 19 -11.96 5.65 -14.62
C PRO A 19 -11.28 4.45 -13.95
N PRO A 20 -9.94 4.32 -14.07
CA PRO A 20 -9.17 3.30 -13.39
C PRO A 20 -8.88 3.74 -11.95
N GLN A 21 -8.84 2.77 -11.04
CA GLN A 21 -8.49 2.92 -9.64
C GLN A 21 -7.19 2.16 -9.43
N CYS A 22 -6.21 2.80 -8.77
CA CYS A 22 -4.93 2.20 -8.44
C CYS A 22 -4.91 1.88 -6.95
N GLN A 23 -4.26 0.76 -6.61
CA GLN A 23 -4.28 0.18 -5.28
C GLN A 23 -2.91 -0.41 -5.00
N CYS A 24 -2.60 -0.61 -3.71
CA CYS A 24 -1.36 -1.19 -3.26
C CYS A 24 -1.62 -2.60 -2.75
N THR A 25 -0.95 -3.57 -3.36
CA THR A 25 -0.98 -4.98 -2.97
C THR A 25 0.35 -5.37 -2.33
N ASP A 26 1.09 -4.39 -1.81
CA ASP A 26 2.26 -4.63 -0.99
C ASP A 26 1.81 -5.06 0.41
N VAL A 27 2.65 -5.90 1.01
CA VAL A 27 2.40 -6.56 2.28
C VAL A 27 3.72 -6.63 3.05
N ARG A 28 3.73 -6.15 4.29
CA ARG A 28 4.94 -6.03 5.09
C ARG A 28 4.57 -5.81 6.55
N GLU A 29 5.46 -5.20 7.35
CA GLU A 29 5.23 -4.92 8.76
C GLU A 29 3.99 -4.05 8.94
N LYS A 30 4.14 -2.74 8.74
CA LYS A 30 3.08 -1.75 8.82
C LYS A 30 2.81 -1.08 7.48
N CYS A 31 1.71 -0.33 7.44
CA CYS A 31 1.25 0.47 6.32
C CYS A 31 1.69 1.93 6.45
N HIS A 32 1.69 2.65 5.31
CA HIS A 32 2.26 3.97 5.19
C HIS A 32 1.28 5.09 5.53
N SER A 33 1.83 6.31 5.58
CA SER A 33 1.14 7.55 5.93
C SER A 33 -0.14 7.77 5.12
N ALA A 34 -0.08 7.44 3.82
CA ALA A 34 -1.16 7.69 2.87
C ALA A 34 -1.85 6.39 2.46
N CYS A 35 -2.11 5.52 3.45
CA CYS A 35 -2.87 4.30 3.30
C CYS A 35 -4.03 4.35 4.29
N LYS A 36 -5.27 4.29 3.77
CA LYS A 36 -6.48 4.62 4.51
C LYS A 36 -7.20 3.34 4.92
N SER A 37 -7.23 2.36 4.02
CA SER A 37 -7.69 1.00 4.30
C SER A 37 -6.43 0.14 4.41
N CYS A 38 -6.26 -0.44 5.59
CA CYS A 38 -5.11 -1.23 5.98
C CYS A 38 -5.62 -2.34 6.90
N LEU A 39 -5.18 -3.58 6.65
CA LEU A 39 -5.71 -4.75 7.34
C LEU A 39 -4.66 -5.85 7.37
N CYS A 40 -4.58 -6.55 8.51
CA CYS A 40 -3.50 -7.50 8.81
C CYS A 40 -4.06 -8.90 9.03
N THR A 41 -3.20 -9.93 8.91
CA THR A 41 -3.64 -11.30 9.09
C THR A 41 -3.75 -11.62 10.58
N ARG A 42 -4.69 -12.50 10.93
CA ARG A 42 -5.02 -12.87 12.29
C ARG A 42 -4.25 -14.12 12.71
N SER A 43 -2.96 -14.20 12.33
CA SER A 43 -2.14 -15.37 12.55
C SER A 43 -0.67 -15.01 12.40
N PHE A 44 0.15 -16.06 12.18
CA PHE A 44 1.58 -16.02 12.06
C PHE A 44 1.96 -16.25 10.59
N PRO A 45 2.84 -15.43 10.00
CA PRO A 45 3.45 -14.24 10.58
C PRO A 45 2.40 -13.12 10.64
N PRO A 46 2.43 -12.25 11.66
CA PRO A 46 1.51 -11.13 11.78
C PRO A 46 1.97 -10.01 10.83
N GLN A 47 1.57 -10.12 9.57
CA GLN A 47 1.90 -9.21 8.50
C GLN A 47 0.68 -8.36 8.17
N CYS A 48 0.91 -7.11 7.78
CA CYS A 48 -0.14 -6.18 7.41
C CYS A 48 -0.07 -5.75 5.95
N ARG A 49 -1.24 -5.50 5.39
CA ARG A 49 -1.47 -5.17 3.99
C ARG A 49 -2.11 -3.78 3.90
N CYS A 50 -1.95 -3.14 2.74
CA CYS A 50 -2.73 -1.97 2.36
C CYS A 50 -3.83 -2.40 1.39
N TYR A 51 -4.86 -1.55 1.27
CA TYR A 51 -5.96 -1.72 0.34
C TYR A 51 -6.57 -0.36 -0.01
N ASP A 52 -5.77 0.71 0.07
CA ASP A 52 -6.21 2.08 -0.16
C ASP A 52 -6.46 2.33 -1.64
N ILE A 53 -7.36 3.27 -1.95
CA ILE A 53 -7.79 3.57 -3.31
C ILE A 53 -7.16 4.90 -3.74
N THR A 54 -6.57 4.91 -4.94
CA THR A 54 -5.92 6.06 -5.55
C THR A 54 -6.18 6.01 -7.06
N ASP A 55 -5.42 6.79 -7.83
CA ASP A 55 -5.43 6.76 -9.29
C ASP A 55 -3.99 6.77 -9.84
N PHE A 56 -3.02 6.44 -8.99
CA PHE A 56 -1.60 6.52 -9.26
C PHE A 56 -0.83 5.55 -8.35
N CYS A 57 0.49 5.51 -8.53
CA CYS A 57 1.41 4.69 -7.76
C CYS A 57 2.29 5.57 -6.87
N TYR A 58 2.68 5.04 -5.71
CA TYR A 58 3.64 5.63 -4.79
C TYR A 58 5.01 4.98 -5.02
N PRO A 59 6.12 5.68 -4.75
CA PRO A 59 7.47 5.17 -5.02
C PRO A 59 7.79 3.95 -4.15
N SER A 60 8.83 3.19 -4.52
CA SER A 60 9.21 1.95 -3.86
C SER A 60 9.49 2.13 -2.38
N CYS A 61 9.02 1.16 -1.58
CA CYS A 61 9.03 1.19 -0.12
C CYS A 61 10.20 0.40 0.45
N SER A 62 10.24 0.36 1.79
CA SER A 62 11.21 -0.40 2.56
C SER A 62 10.79 -1.87 2.67
N THR A 1 12.66 18.18 10.70
CA THR A 1 12.07 18.30 9.35
C THR A 1 11.23 17.06 9.01
N LYS A 2 10.31 17.21 8.06
CA LYS A 2 9.51 16.13 7.51
C LYS A 2 10.35 15.39 6.47
N SER A 3 11.46 14.78 6.92
CA SER A 3 12.44 14.14 6.07
C SER A 3 12.79 12.76 6.65
N THR A 4 11.79 11.89 6.72
CA THR A 4 11.93 10.52 7.20
C THR A 4 10.80 9.67 6.61
N THR A 5 11.02 8.34 6.58
CA THR A 5 10.19 7.28 6.01
C THR A 5 8.90 7.78 5.33
N THR A 6 9.07 8.30 4.11
CA THR A 6 7.97 8.85 3.32
C THR A 6 7.06 7.73 2.82
N ALA A 7 5.80 8.06 2.51
CA ALA A 7 4.83 7.11 2.02
C ALA A 7 5.28 6.50 0.70
N CYS A 8 5.40 5.17 0.67
CA CYS A 8 5.91 4.44 -0.48
C CYS A 8 5.30 3.05 -0.59
N CYS A 9 5.62 2.40 -1.71
CA CYS A 9 5.10 1.11 -2.14
C CYS A 9 5.92 0.64 -3.35
N ASP A 10 6.01 -0.68 -3.54
CA ASP A 10 6.79 -1.29 -4.60
C ASP A 10 5.84 -1.79 -5.67
N PHE A 11 5.01 -2.81 -5.37
CA PHE A 11 4.03 -3.35 -6.29
C PHE A 11 2.70 -2.66 -6.08
N CYS A 12 2.39 -1.75 -7.02
CA CYS A 12 1.25 -0.85 -7.02
C CYS A 12 0.36 -1.10 -8.26
N PRO A 13 -0.26 -2.29 -8.39
CA PRO A 13 -1.08 -2.62 -9.54
C PRO A 13 -2.35 -1.76 -9.61
N CYS A 14 -2.89 -1.63 -10.83
CA CYS A 14 -4.11 -0.88 -11.11
C CYS A 14 -5.05 -1.74 -11.94
N THR A 15 -6.34 -1.37 -11.90
CA THR A 15 -7.43 -2.05 -12.58
C THR A 15 -7.61 -1.48 -14.00
N ARG A 16 -8.47 -2.13 -14.78
CA ARG A 16 -8.82 -1.76 -16.15
C ARG A 16 -10.22 -1.16 -16.27
N SER A 17 -10.95 -1.08 -15.14
CA SER A 17 -12.28 -0.54 -15.04
C SER A 17 -12.28 0.98 -15.20
N ILE A 18 -13.48 1.57 -15.12
CA ILE A 18 -13.72 2.99 -15.30
C ILE A 18 -14.54 3.51 -14.11
N PRO A 19 -14.02 4.43 -13.28
CA PRO A 19 -12.67 4.97 -13.34
C PRO A 19 -11.67 3.87 -12.90
N PRO A 20 -10.45 3.84 -13.47
CA PRO A 20 -9.44 2.86 -13.10
C PRO A 20 -8.90 3.21 -11.71
N GLN A 21 -8.94 2.24 -10.79
CA GLN A 21 -8.47 2.39 -9.43
C GLN A 21 -7.14 1.67 -9.27
N CYS A 22 -6.30 2.16 -8.35
CA CYS A 22 -4.96 1.65 -8.07
C CYS A 22 -4.82 1.37 -6.58
N GLN A 23 -4.03 0.33 -6.28
CA GLN A 23 -3.89 -0.25 -4.96
C GLN A 23 -2.48 -0.85 -4.85
N CYS A 24 -2.02 -1.15 -3.63
CA CYS A 24 -0.77 -1.88 -3.40
C CYS A 24 -1.08 -3.27 -2.90
N THR A 25 -0.27 -4.24 -3.38
CA THR A 25 -0.52 -5.66 -3.14
C THR A 25 0.48 -6.23 -2.14
N ASP A 26 1.54 -5.49 -1.82
CA ASP A 26 2.62 -5.93 -0.95
C ASP A 26 2.09 -6.21 0.45
N VAL A 27 2.67 -7.19 1.12
CA VAL A 27 2.39 -7.53 2.51
C VAL A 27 3.62 -7.13 3.30
N ARG A 28 3.45 -6.32 4.35
CA ARG A 28 4.53 -5.70 5.10
C ARG A 28 4.20 -5.60 6.60
N GLU A 29 4.97 -4.82 7.36
CA GLU A 29 4.61 -4.38 8.69
C GLU A 29 3.49 -3.34 8.58
N LYS A 30 3.53 -2.24 9.33
CA LYS A 30 2.47 -1.24 9.27
C LYS A 30 2.37 -0.60 7.89
N CYS A 31 1.17 -0.06 7.61
CA CYS A 31 0.89 0.68 6.39
C CYS A 31 1.52 2.08 6.46
N HIS A 32 1.57 2.75 5.31
CA HIS A 32 2.25 4.02 5.16
C HIS A 32 1.37 5.22 5.47
N SER A 33 1.99 6.40 5.52
CA SER A 33 1.39 7.67 5.91
C SER A 33 0.27 8.11 4.95
N ALA A 34 0.31 7.64 3.70
CA ALA A 34 -0.69 7.94 2.67
C ALA A 34 -1.62 6.75 2.46
N CYS A 35 -1.91 6.02 3.54
CA CYS A 35 -2.85 4.91 3.55
C CYS A 35 -3.96 5.25 4.56
N LYS A 36 -5.23 5.17 4.11
CA LYS A 36 -6.41 5.43 4.93
C LYS A 36 -7.11 4.11 5.26
N SER A 37 -7.15 3.19 4.30
CA SER A 37 -7.68 1.85 4.49
C SER A 37 -6.51 0.88 4.53
N CYS A 38 -6.31 0.28 5.70
CA CYS A 38 -5.25 -0.67 6.01
C CYS A 38 -5.91 -1.91 6.64
N LEU A 39 -5.46 -3.10 6.25
CA LEU A 39 -6.05 -4.38 6.65
C LEU A 39 -4.92 -5.39 6.85
N CYS A 40 -5.14 -6.37 7.72
CA CYS A 40 -4.13 -7.34 8.12
C CYS A 40 -4.72 -8.73 8.19
N THR A 41 -3.86 -9.76 8.08
CA THR A 41 -4.28 -11.15 8.16
C THR A 41 -4.17 -11.64 9.60
N ARG A 42 -5.02 -12.61 9.97
CA ARG A 42 -5.03 -13.26 11.27
C ARG A 42 -4.25 -14.58 11.25
N SER A 43 -3.37 -14.77 10.26
CA SER A 43 -2.42 -15.87 10.21
C SER A 43 -1.34 -15.70 11.28
N PHE A 44 -0.43 -16.67 11.36
CA PHE A 44 0.73 -16.63 12.25
C PHE A 44 2.00 -16.80 11.42
N PRO A 45 2.91 -15.80 11.39
CA PRO A 45 2.76 -14.47 11.99
C PRO A 45 1.75 -13.63 11.19
N PRO A 46 1.04 -12.68 11.84
CA PRO A 46 0.12 -11.76 11.17
C PRO A 46 0.89 -10.58 10.59
N GLN A 47 0.69 -10.30 9.29
CA GLN A 47 1.24 -9.14 8.59
C GLN A 47 0.10 -8.25 8.13
N CYS A 48 0.41 -6.99 7.82
CA CYS A 48 -0.55 -5.99 7.38
C CYS A 48 -0.28 -5.60 5.92
N ARG A 49 -1.22 -4.86 5.34
CA ARG A 49 -1.23 -4.47 3.94
C ARG A 49 -2.13 -3.26 3.78
N CYS A 50 -1.76 -2.38 2.83
CA CYS A 50 -2.50 -1.17 2.52
C CYS A 50 -3.53 -1.48 1.43
N TYR A 51 -4.81 -1.18 1.72
CA TYR A 51 -5.95 -1.39 0.83
C TYR A 51 -6.47 -0.03 0.30
N ASP A 52 -5.72 1.06 0.51
CA ASP A 52 -6.15 2.39 0.12
C ASP A 52 -6.22 2.53 -1.39
N ILE A 53 -7.19 3.31 -1.86
CA ILE A 53 -7.57 3.41 -3.26
C ILE A 53 -7.08 4.75 -3.81
N THR A 54 -6.47 4.71 -4.99
CA THR A 54 -5.90 5.88 -5.67
C THR A 54 -6.14 5.77 -7.18
N ASP A 55 -5.64 6.75 -7.96
CA ASP A 55 -5.58 6.71 -9.41
C ASP A 55 -4.14 6.52 -9.89
N PHE A 56 -3.17 6.53 -8.96
CA PHE A 56 -1.74 6.59 -9.21
C PHE A 56 -1.00 5.56 -8.36
N CYS A 57 0.33 5.61 -8.40
CA CYS A 57 1.24 4.77 -7.64
C CYS A 57 2.13 5.66 -6.76
N TYR A 58 2.48 5.16 -5.58
CA TYR A 58 3.35 5.82 -4.63
C TYR A 58 4.81 5.66 -5.09
N PRO A 59 5.74 6.50 -4.61
CA PRO A 59 7.16 6.35 -4.91
C PRO A 59 7.67 5.00 -4.41
N SER A 60 8.80 4.54 -4.96
CA SER A 60 9.37 3.25 -4.63
C SER A 60 9.76 3.18 -3.16
N CYS A 61 9.46 2.04 -2.55
CA CYS A 61 9.78 1.73 -1.16
C CYS A 61 11.04 0.88 -1.10
N SER A 62 11.38 0.40 0.10
CA SER A 62 12.51 -0.48 0.35
C SER A 62 12.12 -1.93 0.02
N THR A 1 5.92 18.71 7.05
CA THR A 1 6.99 18.66 6.03
C THR A 1 7.37 17.20 5.73
N LYS A 2 8.35 16.98 4.85
CA LYS A 2 8.78 15.65 4.45
C LYS A 2 9.29 14.87 5.66
N SER A 3 8.50 13.90 6.12
CA SER A 3 8.76 13.09 7.30
C SER A 3 9.64 11.89 6.96
N THR A 4 9.88 11.03 7.96
CA THR A 4 10.35 9.67 7.74
C THR A 4 9.26 8.86 7.02
N THR A 5 9.62 7.63 6.58
CA THR A 5 8.88 6.72 5.71
C THR A 5 7.56 7.29 5.17
N THR A 6 7.66 8.06 4.09
CA THR A 6 6.54 8.74 3.45
C THR A 6 5.61 7.75 2.77
N ALA A 7 4.54 8.26 2.18
CA ALA A 7 3.56 7.46 1.46
C ALA A 7 4.24 6.75 0.30
N CYS A 8 4.27 5.41 0.39
CA CYS A 8 5.03 4.56 -0.49
C CYS A 8 4.21 3.31 -0.81
N CYS A 9 4.88 2.35 -1.45
CA CYS A 9 4.38 1.05 -1.81
C CYS A 9 5.57 0.28 -2.37
N ASP A 10 5.41 -1.03 -2.61
CA ASP A 10 6.36 -1.80 -3.40
C ASP A 10 5.70 -2.13 -4.74
N PHE A 11 4.57 -2.85 -4.68
CA PHE A 11 3.83 -3.30 -5.85
C PHE A 11 2.43 -2.71 -5.79
N CYS A 12 2.15 -1.76 -6.70
CA CYS A 12 0.86 -1.13 -6.86
C CYS A 12 0.32 -1.30 -8.29
N PRO A 13 -0.44 -2.39 -8.56
CA PRO A 13 -1.16 -2.53 -9.81
C PRO A 13 -2.35 -1.55 -9.85
N CYS A 14 -2.98 -1.48 -11.04
CA CYS A 14 -4.18 -0.70 -11.27
C CYS A 14 -5.19 -1.53 -12.03
N THR A 15 -6.46 -1.15 -11.90
CA THR A 15 -7.59 -1.79 -12.57
C THR A 15 -7.80 -1.15 -13.95
N ARG A 16 -8.55 -1.84 -14.81
CA ARG A 16 -8.85 -1.40 -16.17
C ARG A 16 -10.31 -0.93 -16.27
N SER A 17 -10.80 -0.31 -15.18
CA SER A 17 -12.12 0.28 -15.08
C SER A 17 -12.08 1.75 -15.52
N ILE A 18 -13.25 2.39 -15.47
CA ILE A 18 -13.45 3.78 -15.87
C ILE A 18 -14.20 4.51 -14.73
N PRO A 19 -13.54 5.36 -13.93
CA PRO A 19 -12.11 5.65 -13.95
C PRO A 19 -11.32 4.46 -13.38
N PRO A 20 -10.03 4.30 -13.73
CA PRO A 20 -9.20 3.25 -13.17
C PRO A 20 -8.77 3.60 -11.75
N GLN A 21 -8.77 2.60 -10.87
CA GLN A 21 -8.31 2.71 -9.49
C GLN A 21 -6.97 1.97 -9.38
N CYS A 22 -5.98 2.61 -8.75
CA CYS A 22 -4.71 2.00 -8.41
C CYS A 22 -4.63 1.78 -6.90
N GLN A 23 -4.00 0.67 -6.53
CA GLN A 23 -3.93 0.20 -5.16
C GLN A 23 -2.72 -0.69 -4.98
N CYS A 24 -2.39 -1.05 -3.74
CA CYS A 24 -1.23 -1.87 -3.40
C CYS A 24 -1.68 -3.29 -3.08
N THR A 25 -0.84 -4.25 -3.49
CA THR A 25 -1.03 -5.67 -3.24
C THR A 25 0.08 -6.23 -2.34
N ASP A 26 1.19 -5.51 -2.19
CA ASP A 26 2.32 -5.96 -1.38
C ASP A 26 1.92 -6.07 0.09
N VAL A 27 2.66 -6.92 0.80
CA VAL A 27 2.51 -7.21 2.22
C VAL A 27 3.84 -6.90 2.91
N ARG A 28 3.77 -6.37 4.14
CA ARG A 28 4.92 -5.89 4.91
C ARG A 28 4.49 -5.80 6.38
N GLU A 29 5.00 -4.81 7.11
CA GLU A 29 4.54 -4.40 8.42
C GLU A 29 3.49 -3.30 8.24
N LYS A 30 3.60 -2.19 8.97
CA LYS A 30 2.56 -1.18 9.14
C LYS A 30 2.20 -0.44 7.85
N CYS A 31 1.13 0.35 7.95
CA CYS A 31 0.59 1.17 6.88
C CYS A 31 1.54 2.33 6.60
N HIS A 32 1.57 2.84 5.36
CA HIS A 32 2.32 4.03 5.00
C HIS A 32 1.55 5.31 5.32
N SER A 33 2.18 6.44 5.00
CA SER A 33 1.71 7.77 5.36
C SER A 33 0.56 8.28 4.48
N ALA A 34 -0.20 7.36 3.84
CA ALA A 34 -1.41 7.73 3.10
C ALA A 34 -2.30 6.50 2.93
N CYS A 35 -2.88 6.03 4.03
CA CYS A 35 -3.69 4.82 4.06
C CYS A 35 -5.06 5.13 4.65
N LYS A 36 -6.11 4.80 3.88
CA LYS A 36 -7.51 4.93 4.25
C LYS A 36 -8.08 3.54 4.56
N SER A 37 -7.53 2.51 3.89
CA SER A 37 -7.75 1.11 4.18
C SER A 37 -6.41 0.48 4.54
N CYS A 38 -6.38 -0.27 5.64
CA CYS A 38 -5.22 -0.99 6.14
C CYS A 38 -5.70 -2.16 7.00
N LEU A 39 -5.01 -3.30 6.94
CA LEU A 39 -5.45 -4.54 7.58
C LEU A 39 -4.24 -5.41 7.93
N CYS A 40 -4.47 -6.47 8.70
CA CYS A 40 -3.49 -7.50 8.99
C CYS A 40 -4.09 -8.88 8.85
N THR A 41 -3.22 -9.90 8.76
CA THR A 41 -3.60 -11.29 8.66
C THR A 41 -3.97 -11.84 10.03
N ARG A 42 -4.90 -12.80 10.03
CA ARG A 42 -5.35 -13.52 11.21
C ARG A 42 -4.62 -14.87 11.30
N SER A 43 -3.29 -14.81 11.23
CA SER A 43 -2.42 -15.96 11.36
C SER A 43 -1.06 -15.51 11.90
N PHE A 44 -0.06 -16.38 11.74
CA PHE A 44 1.31 -16.19 12.19
C PHE A 44 2.26 -16.50 11.02
N PRO A 45 3.22 -15.62 10.68
CA PRO A 45 3.47 -14.34 11.32
C PRO A 45 2.35 -13.34 10.99
N PRO A 46 2.03 -12.41 11.91
CA PRO A 46 1.01 -11.41 11.71
C PRO A 46 1.55 -10.33 10.76
N GLN A 47 1.17 -10.45 9.48
CA GLN A 47 1.66 -9.63 8.39
C GLN A 47 0.57 -8.64 7.98
N CYS A 48 0.96 -7.40 7.67
CA CYS A 48 0.04 -6.30 7.51
C CYS A 48 0.24 -5.62 6.16
N ARG A 49 -0.83 -4.99 5.66
CA ARG A 49 -0.86 -4.34 4.35
C ARG A 49 -1.70 -3.06 4.43
N CYS A 50 -1.49 -2.20 3.42
CA CYS A 50 -2.28 -1.00 3.17
C CYS A 50 -2.93 -1.15 1.80
N TYR A 51 -4.26 -0.98 1.75
CA TYR A 51 -5.08 -1.32 0.59
C TYR A 51 -5.80 -0.07 0.07
N ASP A 52 -5.11 1.08 0.10
CA ASP A 52 -5.65 2.37 -0.26
C ASP A 52 -6.11 2.44 -1.72
N ILE A 53 -7.10 3.30 -2.00
CA ILE A 53 -7.62 3.54 -3.34
C ILE A 53 -7.16 4.92 -3.80
N THR A 54 -6.14 4.93 -4.66
CA THR A 54 -5.65 6.11 -5.35
C THR A 54 -5.92 5.94 -6.85
N ASP A 55 -5.46 6.91 -7.65
CA ASP A 55 -5.50 6.84 -9.12
C ASP A 55 -4.09 6.67 -9.69
N PHE A 56 -3.11 6.39 -8.83
CA PHE A 56 -1.69 6.32 -9.14
C PHE A 56 -1.01 5.30 -8.23
N CYS A 57 0.24 5.00 -8.58
CA CYS A 57 1.13 4.09 -7.87
C CYS A 57 2.34 4.87 -7.39
N TYR A 58 2.77 4.57 -6.16
CA TYR A 58 3.86 5.22 -5.46
C TYR A 58 5.19 4.61 -5.90
N PRO A 59 6.31 5.35 -5.80
CA PRO A 59 7.64 4.79 -6.01
C PRO A 59 7.98 3.78 -4.90
N SER A 60 9.01 2.96 -5.14
CA SER A 60 9.36 1.85 -4.28
C SER A 60 9.79 2.33 -2.89
N CYS A 61 9.24 1.66 -1.86
CA CYS A 61 9.55 1.88 -0.46
C CYS A 61 10.87 1.20 -0.09
N SER A 62 11.22 1.25 1.21
CA SER A 62 12.29 0.46 1.80
C SER A 62 11.76 -0.95 2.07
#